data_1KGZ
#
_entry.id   1KGZ
#
_cell.length_a   77.378
_cell.length_b   81.686
_cell.length_c   101.680
_cell.angle_alpha   90.00
_cell.angle_beta   90.00
_cell.angle_gamma   90.00
#
_symmetry.space_group_name_H-M   'P 21 21 2'
#
loop_
_entity.id
_entity.type
_entity.pdbx_description
1 polymer 'Anthranilate phosphoribosyltransferase'
2 non-polymer 'MERCURY (II) ION'
3 non-polymer 'MANGANESE (II) ION'
4 non-polymer 1-O-pyrophosphono-5-O-phosphono-alpha-D-ribofuranose
5 water water
#
_entity_poly.entity_id   1
_entity_poly.type   'polypeptide(L)'
_entity_poly.pdbx_seq_one_letter_code
;MQATLIKPTIFTHQPILEKLFKSQSMTQEESHQLFAAIVRGELEDSQLAAALISMKMRGERPEEIAGAASALLADAQPFP
RPDYDFADIVGTGGDGTNSINISTASAFVAASCGAKVAKHGNRSVCQPLAGSCDLLQAFGIRLDMSAEDSRQALDDLNVC
FLFAPQYHTGFRHAMPVRQQLKTRTIFNVLGPLINPARPPKALIGVYSPELVLPIAQALKVLGYKNAAVVHGGGMDEVAI
HTPTQVAELNNGEIESYQLSPQDFGLQSYSLNALQGGTPEENRDILARLLQGKGDAAHARQVAANVALLLKLFGQDNLRH
NAQLALETIRSGTAFERVTALAARG
;
_entity_poly.pdbx_strand_id   A,B
#
# COMPACT_ATOMS: atom_id res chain seq x y z
N THR A 12 -3.89 -18.21 -6.38
CA THR A 12 -3.52 -16.77 -6.52
C THR A 12 -4.78 -15.91 -6.52
N HIS A 13 -4.77 -14.84 -5.72
CA HIS A 13 -5.93 -13.96 -5.56
C HIS A 13 -5.80 -12.53 -6.06
N GLN A 14 -5.45 -12.35 -7.32
CA GLN A 14 -5.34 -11.01 -7.85
C GLN A 14 -6.70 -10.33 -7.71
N PRO A 15 -7.79 -11.04 -8.08
CA PRO A 15 -9.16 -10.52 -8.01
C PRO A 15 -9.55 -9.87 -6.68
N ILE A 16 -8.98 -10.34 -5.58
CA ILE A 16 -9.32 -9.76 -4.29
C ILE A 16 -8.56 -8.46 -4.12
N LEU A 17 -7.28 -8.47 -4.50
CA LEU A 17 -6.44 -7.28 -4.35
C LEU A 17 -6.98 -6.05 -5.09
N GLU A 18 -7.47 -6.22 -6.30
CA GLU A 18 -7.99 -5.07 -7.04
C GLU A 18 -9.22 -4.52 -6.34
N LYS A 19 -9.98 -5.40 -5.71
CA LYS A 19 -11.17 -4.95 -4.99
C LYS A 19 -10.69 -4.03 -3.86
N LEU A 20 -9.62 -4.43 -3.18
CA LEU A 20 -9.06 -3.64 -2.09
C LEU A 20 -8.54 -2.30 -2.60
N PHE A 21 -7.79 -2.34 -3.70
CA PHE A 21 -7.21 -1.15 -4.29
C PHE A 21 -8.29 -0.16 -4.77
N LYS A 22 -9.55 -0.58 -4.73
CA LYS A 22 -10.65 0.28 -5.14
C LYS A 22 -11.42 0.75 -3.91
N SER A 23 -10.79 0.65 -2.74
CA SER A 23 -11.44 1.07 -1.50
C SER A 23 -12.73 0.30 -1.24
N GLN A 24 -12.73 -0.98 -1.61
CA GLN A 24 -13.88 -1.84 -1.42
C GLN A 24 -13.53 -2.92 -0.40
N SER A 25 -14.45 -3.17 0.52
CA SER A 25 -14.22 -4.15 1.56
C SER A 25 -14.53 -5.56 1.09
N MET A 26 -13.78 -6.52 1.63
CA MET A 26 -13.95 -7.93 1.29
C MET A 26 -15.08 -8.56 2.11
N THR A 27 -15.52 -9.74 1.69
CA THR A 27 -16.54 -10.48 2.41
C THR A 27 -15.77 -11.26 3.47
N GLN A 28 -16.48 -11.89 4.39
CA GLN A 28 -15.79 -12.66 5.41
C GLN A 28 -14.98 -13.77 4.73
N GLU A 29 -15.57 -14.40 3.70
CA GLU A 29 -14.90 -15.48 2.97
C GLU A 29 -13.73 -14.99 2.12
N GLU A 30 -13.88 -13.83 1.47
CA GLU A 30 -12.80 -13.28 0.64
C GLU A 30 -11.60 -12.92 1.52
N SER A 31 -11.88 -12.39 2.70
CA SER A 31 -10.84 -12.01 3.63
C SER A 31 -10.15 -13.28 4.16
N HIS A 32 -10.95 -14.32 4.37
CA HIS A 32 -10.46 -15.61 4.86
C HIS A 32 -9.48 -16.20 3.85
N GLN A 33 -9.81 -16.10 2.57
CA GLN A 33 -8.93 -16.60 1.52
C GLN A 33 -7.64 -15.82 1.50
N LEU A 34 -7.77 -14.50 1.40
CA LEU A 34 -6.62 -13.63 1.38
C LEU A 34 -5.66 -13.94 2.52
N PHE A 35 -6.16 -13.96 3.76
CA PHE A 35 -5.26 -14.24 4.87
C PHE A 35 -4.78 -15.68 4.98
N ALA A 36 -5.48 -16.61 4.33
CA ALA A 36 -5.04 -17.99 4.36
C ALA A 36 -3.78 -18.05 3.49
N ALA A 37 -3.86 -17.40 2.33
CA ALA A 37 -2.73 -17.35 1.41
C ALA A 37 -1.55 -16.60 2.05
N ILE A 38 -1.85 -15.59 2.86
CA ILE A 38 -0.79 -14.82 3.51
C ILE A 38 0.03 -15.65 4.50
N VAL A 39 -0.61 -16.32 5.45
CA VAL A 39 0.14 -17.14 6.42
C VAL A 39 0.85 -18.32 5.80
N ARG A 40 0.51 -18.63 4.56
CA ARG A 40 1.13 -19.74 3.85
C ARG A 40 2.29 -19.27 2.99
N GLY A 41 2.54 -17.97 3.02
CA GLY A 41 3.63 -17.39 2.24
C GLY A 41 3.39 -17.35 0.75
N GLU A 42 2.13 -17.39 0.34
CA GLU A 42 1.79 -17.35 -1.07
C GLU A 42 1.90 -15.96 -1.68
N LEU A 43 2.08 -14.94 -0.85
CA LEU A 43 2.19 -13.56 -1.32
C LEU A 43 3.59 -12.96 -1.24
N GLU A 44 3.86 -12.01 -2.13
CA GLU A 44 5.15 -11.31 -2.20
C GLU A 44 5.13 -10.19 -1.16
N ASP A 45 6.30 -9.68 -0.81
CA ASP A 45 6.39 -8.58 0.15
C ASP A 45 5.49 -7.41 -0.27
N SER A 46 5.60 -7.03 -1.54
CA SER A 46 4.83 -5.93 -2.08
C SER A 46 3.31 -6.14 -1.96
N GLN A 47 2.86 -7.34 -2.31
CA GLN A 47 1.43 -7.67 -2.27
C GLN A 47 0.91 -7.61 -0.83
N LEU A 48 1.54 -8.35 0.07
CA LEU A 48 1.12 -8.35 1.45
C LEU A 48 1.02 -6.91 2.00
N ALA A 49 1.93 -6.05 1.56
CA ALA A 49 1.96 -4.66 2.02
C ALA A 49 0.84 -3.82 1.41
N ALA A 50 0.53 -4.08 0.15
CA ALA A 50 -0.53 -3.34 -0.54
C ALA A 50 -1.87 -3.73 0.09
N ALA A 51 -1.99 -5.01 0.44
CA ALA A 51 -3.21 -5.51 1.07
C ALA A 51 -3.38 -4.82 2.43
N LEU A 52 -2.36 -4.91 3.27
CA LEU A 52 -2.39 -4.32 4.61
C LEU A 52 -2.65 -2.81 4.62
N ILE A 53 -2.04 -2.11 3.66
CA ILE A 53 -2.19 -0.65 3.57
C ILE A 53 -3.53 -0.22 2.98
N SER A 54 -4.02 -0.94 1.97
CA SER A 54 -5.29 -0.61 1.36
C SER A 54 -6.42 -0.80 2.37
N MET A 55 -6.31 -1.83 3.21
CA MET A 55 -7.33 -2.11 4.22
C MET A 55 -7.25 -1.03 5.27
N LYS A 56 -6.03 -0.68 5.65
CA LYS A 56 -5.75 0.32 6.67
C LYS A 56 -6.37 1.67 6.33
N MET A 57 -6.00 2.21 5.17
CA MET A 57 -6.51 3.50 4.74
C MET A 57 -8.03 3.58 4.66
N ARG A 58 -8.66 2.49 4.25
CA ARG A 58 -10.12 2.44 4.14
C ARG A 58 -10.80 2.22 5.50
N GLY A 59 -10.21 1.39 6.35
CA GLY A 59 -10.79 1.11 7.64
C GLY A 59 -11.39 -0.30 7.68
N GLU A 60 -10.68 -1.23 8.31
CA GLU A 60 -11.10 -2.62 8.42
C GLU A 60 -12.49 -2.82 9.03
N ARG A 61 -13.29 -3.71 8.44
CA ARG A 61 -14.63 -3.99 8.94
C ARG A 61 -14.66 -5.27 9.78
N PRO A 62 -15.64 -5.36 10.71
CA PRO A 62 -15.78 -6.53 11.57
C PRO A 62 -15.75 -7.88 10.82
N GLU A 63 -16.50 -7.98 9.73
CA GLU A 63 -16.51 -9.24 8.96
C GLU A 63 -15.12 -9.56 8.42
N GLU A 64 -14.35 -8.52 8.10
CA GLU A 64 -13.01 -8.68 7.57
C GLU A 64 -12.07 -9.18 8.66
N ILE A 65 -12.19 -8.59 9.84
CA ILE A 65 -11.36 -8.97 10.99
C ILE A 65 -11.67 -10.42 11.40
N ALA A 66 -12.94 -10.79 11.36
CA ALA A 66 -13.37 -12.13 11.71
C ALA A 66 -12.84 -13.12 10.68
N GLY A 67 -12.99 -12.80 9.39
CA GLY A 67 -12.52 -13.66 8.33
C GLY A 67 -11.02 -13.91 8.42
N ALA A 68 -10.27 -12.84 8.70
CA ALA A 68 -8.82 -12.93 8.86
C ALA A 68 -8.50 -13.86 10.04
N ALA A 69 -9.04 -13.54 11.21
CA ALA A 69 -8.79 -14.36 12.40
C ALA A 69 -9.22 -15.81 12.12
N SER A 70 -10.37 -15.97 11.48
CA SER A 70 -10.87 -17.28 11.17
C SER A 70 -9.80 -18.05 10.39
N ALA A 71 -9.14 -17.36 9.46
CA ALA A 71 -8.09 -17.97 8.66
C ALA A 71 -6.91 -18.42 9.51
N LEU A 72 -6.32 -17.48 10.26
CA LEU A 72 -5.15 -17.75 11.11
C LEU A 72 -5.33 -18.94 12.05
N LEU A 73 -6.52 -19.03 12.67
CA LEU A 73 -6.79 -20.13 13.57
C LEU A 73 -6.78 -21.47 12.84
N ALA A 74 -7.26 -21.46 11.60
CA ALA A 74 -7.31 -22.67 10.80
C ALA A 74 -5.90 -23.23 10.56
N ASP A 75 -4.94 -22.32 10.45
CA ASP A 75 -3.53 -22.67 10.21
C ASP A 75 -2.81 -23.03 11.51
N ALA A 76 -3.28 -22.45 12.61
CA ALA A 76 -2.69 -22.68 13.92
C ALA A 76 -2.62 -24.14 14.36
N GLN A 77 -1.60 -24.45 15.15
CA GLN A 77 -1.40 -25.79 15.68
C GLN A 77 -2.56 -26.15 16.60
N PRO A 78 -2.87 -27.45 16.73
CA PRO A 78 -3.96 -27.91 17.58
C PRO A 78 -3.73 -27.78 19.09
N PHE A 79 -4.83 -27.72 19.84
CA PHE A 79 -4.78 -27.64 21.28
C PHE A 79 -6.00 -28.35 21.86
N PRO A 80 -5.80 -29.37 22.71
CA PRO A 80 -6.94 -30.09 23.29
C PRO A 80 -7.79 -29.15 24.14
N ARG A 81 -8.79 -28.55 23.51
CA ARG A 81 -9.71 -27.61 24.15
C ARG A 81 -10.65 -28.29 25.13
N PRO A 82 -10.57 -27.93 26.43
CA PRO A 82 -11.44 -28.51 27.46
C PRO A 82 -12.90 -28.08 27.34
N ASP A 83 -13.76 -28.64 28.20
CA ASP A 83 -15.19 -28.33 28.19
C ASP A 83 -15.59 -27.25 29.18
N TYR A 84 -14.99 -27.28 30.37
CA TYR A 84 -15.32 -26.29 31.38
C TYR A 84 -15.08 -24.89 30.85
N ASP A 85 -15.57 -23.88 31.57
CA ASP A 85 -15.42 -22.50 31.17
C ASP A 85 -14.05 -21.92 31.49
N PHE A 86 -13.42 -21.31 30.50
CA PHE A 86 -12.12 -20.67 30.68
C PHE A 86 -12.09 -19.44 29.79
N ALA A 87 -11.07 -18.61 29.91
CA ALA A 87 -11.05 -17.40 29.10
C ALA A 87 -9.66 -16.92 28.79
N ASP A 88 -9.62 -15.79 28.09
CA ASP A 88 -8.39 -15.16 27.72
C ASP A 88 -8.41 -13.73 28.22
N ILE A 89 -7.24 -13.25 28.63
CA ILE A 89 -7.07 -11.89 29.11
C ILE A 89 -5.86 -11.43 28.31
N VAL A 90 -6.13 -10.76 27.19
CA VAL A 90 -5.07 -10.28 26.31
C VAL A 90 -5.42 -8.97 25.62
N GLY A 91 -4.41 -8.20 25.27
CA GLY A 91 -4.64 -6.91 24.62
C GLY A 91 -3.75 -6.65 23.42
N THR A 92 -4.17 -5.71 22.57
CA THR A 92 -3.42 -5.34 21.38
C THR A 92 -2.03 -4.82 21.75
N GLY A 93 -1.91 -4.28 22.95
CA GLY A 93 -0.63 -3.73 23.38
C GLY A 93 -0.35 -2.45 22.64
N GLY A 94 0.88 -1.95 22.74
CA GLY A 94 1.25 -0.72 22.06
C GLY A 94 0.28 0.43 22.37
N ASP A 95 -0.01 0.62 23.64
CA ASP A 95 -0.92 1.67 24.07
C ASP A 95 -0.22 3.04 24.16
N GLY A 96 1.11 3.03 24.05
CA GLY A 96 1.86 4.26 24.11
C GLY A 96 2.36 4.57 25.50
N THR A 97 1.48 4.43 26.48
CA THR A 97 1.83 4.69 27.88
C THR A 97 2.58 3.52 28.50
N ASN A 98 3.90 3.65 28.60
CA ASN A 98 4.74 2.61 29.20
C ASN A 98 4.16 2.23 30.56
N SER A 99 3.63 1.02 30.66
CA SER A 99 3.04 0.53 31.90
C SER A 99 3.56 -0.86 32.22
N ILE A 100 3.08 -1.43 33.32
CA ILE A 100 3.49 -2.77 33.70
C ILE A 100 2.60 -3.78 32.96
N ASN A 101 2.92 -5.06 33.07
CA ASN A 101 2.14 -6.11 32.41
C ASN A 101 0.92 -6.50 33.23
N ILE A 102 -0.15 -5.73 33.06
CA ILE A 102 -1.40 -5.95 33.78
C ILE A 102 -2.07 -7.31 33.48
N SER A 103 -2.28 -7.61 32.19
CA SER A 103 -2.92 -8.85 31.78
C SER A 103 -2.25 -10.12 32.30
N THR A 104 -0.93 -10.16 32.27
CA THR A 104 -0.18 -11.33 32.73
C THR A 104 -0.36 -11.55 34.23
N ALA A 105 -0.36 -10.46 34.98
CA ALA A 105 -0.53 -10.53 36.42
C ALA A 105 -1.97 -10.91 36.75
N SER A 106 -2.92 -10.35 36.00
CA SER A 106 -4.34 -10.64 36.21
C SER A 106 -4.69 -12.11 35.96
N ALA A 107 -3.96 -12.73 35.04
CA ALA A 107 -4.19 -14.14 34.72
C ALA A 107 -3.88 -15.03 35.91
N PHE A 108 -2.78 -14.73 36.62
CA PHE A 108 -2.38 -15.50 37.79
C PHE A 108 -3.27 -15.24 39.00
N VAL A 109 -3.73 -14.00 39.13
CA VAL A 109 -4.61 -13.64 40.22
C VAL A 109 -6.01 -14.22 39.93
N ALA A 110 -6.42 -14.21 38.67
CA ALA A 110 -7.71 -14.76 38.31
C ALA A 110 -7.75 -16.27 38.54
N ALA A 111 -6.68 -16.96 38.12
CA ALA A 111 -6.60 -18.41 38.28
C ALA A 111 -6.68 -18.79 39.77
N SER A 112 -6.26 -17.86 40.62
CA SER A 112 -6.29 -18.06 42.07
C SER A 112 -7.58 -17.53 42.68
N CYS A 113 -8.42 -16.89 41.86
CA CYS A 113 -9.68 -16.30 42.33
C CYS A 113 -10.89 -17.01 41.70
N GLY A 114 -10.66 -18.29 41.39
CA GLY A 114 -11.71 -19.12 40.81
C GLY A 114 -11.62 -19.39 39.33
N ALA A 115 -11.41 -18.36 38.52
CA ALA A 115 -11.37 -18.49 37.06
C ALA A 115 -10.24 -19.31 36.43
N LYS A 116 -10.55 -19.92 35.29
CA LYS A 116 -9.57 -20.72 34.53
C LYS A 116 -9.12 -19.81 33.38
N VAL A 117 -7.82 -19.52 33.30
CA VAL A 117 -7.32 -18.64 32.26
C VAL A 117 -6.25 -19.28 31.39
N ALA A 118 -6.51 -19.27 30.08
CA ALA A 118 -5.58 -19.82 29.10
C ALA A 118 -5.07 -18.63 28.29
N LYS A 119 -3.98 -18.02 28.74
CA LYS A 119 -3.45 -16.85 28.05
C LYS A 119 -2.56 -17.11 26.83
N HIS A 120 -2.82 -16.32 25.79
CA HIS A 120 -2.11 -16.37 24.52
C HIS A 120 -1.31 -15.09 24.37
N GLY A 121 -0.17 -15.16 23.70
CA GLY A 121 0.65 -13.97 23.50
C GLY A 121 2.13 -14.26 23.34
N ASN A 122 2.82 -13.43 22.56
CA ASN A 122 4.25 -13.64 22.34
C ASN A 122 5.13 -12.42 22.61
N ARG A 123 6.34 -12.70 23.07
CA ARG A 123 7.34 -11.68 23.39
C ARG A 123 7.31 -10.45 22.49
N SER A 124 7.56 -9.29 23.09
CA SER A 124 7.58 -8.02 22.35
C SER A 124 8.46 -8.10 21.10
N ALA A 130 12.97 -6.75 26.50
CA ALA A 130 11.92 -6.04 27.28
C ALA A 130 10.54 -6.37 26.72
N GLY A 131 9.50 -5.85 27.37
CA GLY A 131 8.14 -6.09 26.93
C GLY A 131 7.46 -7.15 27.76
N SER A 132 6.62 -7.97 27.13
CA SER A 132 5.89 -9.03 27.83
C SER A 132 6.40 -10.41 27.43
N CYS A 133 5.89 -11.43 28.10
CA CYS A 133 6.27 -12.81 27.81
C CYS A 133 7.75 -13.07 28.13
N ASP A 134 8.51 -11.99 28.27
CA ASP A 134 9.93 -12.10 28.58
C ASP A 134 10.11 -12.31 30.07
N LEU A 135 9.25 -11.68 30.88
CA LEU A 135 9.34 -11.83 32.32
C LEU A 135 8.83 -13.19 32.76
N LEU A 136 8.05 -13.83 31.88
CA LEU A 136 7.53 -15.15 32.18
C LEU A 136 8.72 -16.10 32.04
N GLN A 137 9.65 -15.73 31.16
CA GLN A 137 10.86 -16.52 30.94
C GLN A 137 11.67 -16.38 32.22
N ALA A 138 11.77 -15.14 32.69
CA ALA A 138 12.51 -14.82 33.90
C ALA A 138 12.04 -15.63 35.11
N PHE A 139 10.77 -16.00 35.15
CA PHE A 139 10.25 -16.78 36.26
C PHE A 139 10.52 -18.25 36.00
N GLY A 140 11.32 -18.52 34.98
CA GLY A 140 11.64 -19.88 34.61
C GLY A 140 10.43 -20.63 34.10
N ILE A 141 9.74 -20.05 33.12
CA ILE A 141 8.56 -20.68 32.54
C ILE A 141 8.80 -20.98 31.06
N ARG A 142 9.05 -22.24 30.75
CA ARG A 142 9.31 -22.67 29.39
C ARG A 142 8.18 -22.20 28.48
N LEU A 143 8.50 -21.28 27.57
CA LEU A 143 7.54 -20.72 26.63
C LEU A 143 7.07 -21.69 25.56
N ASP A 144 7.86 -22.73 25.32
CA ASP A 144 7.56 -23.73 24.30
C ASP A 144 6.97 -25.01 24.88
N MET A 145 6.19 -24.87 25.95
CA MET A 145 5.57 -26.01 26.59
C MET A 145 4.68 -26.71 25.55
N SER A 146 4.49 -28.02 25.71
CA SER A 146 3.66 -28.78 24.77
C SER A 146 2.18 -28.55 25.03
N ALA A 147 1.38 -28.67 23.98
CA ALA A 147 -0.07 -28.49 24.08
C ALA A 147 -0.63 -29.45 25.12
N GLU A 148 0.04 -30.59 25.25
CA GLU A 148 -0.36 -31.64 26.19
C GLU A 148 -0.32 -31.14 27.63
N ASP A 149 0.83 -30.62 28.04
CA ASP A 149 1.04 -30.13 29.41
C ASP A 149 0.30 -28.84 29.73
N SER A 150 0.21 -27.93 28.75
CA SER A 150 -0.50 -26.68 28.99
C SER A 150 -1.94 -27.00 29.36
N ARG A 151 -2.53 -27.98 28.68
CA ARG A 151 -3.89 -28.38 28.98
C ARG A 151 -3.91 -28.96 30.39
N GLN A 152 -2.83 -29.63 30.77
CA GLN A 152 -2.74 -30.22 32.09
C GLN A 152 -2.61 -29.12 33.13
N ALA A 153 -1.73 -28.15 32.87
CA ALA A 153 -1.51 -27.03 33.78
C ALA A 153 -2.81 -26.25 33.95
N LEU A 154 -3.60 -26.18 32.88
CA LEU A 154 -4.87 -25.47 32.94
C LEU A 154 -5.87 -26.17 33.85
N ASP A 155 -5.89 -27.50 33.81
CA ASP A 155 -6.81 -28.27 34.65
C ASP A 155 -6.40 -28.25 36.11
N ASP A 156 -5.10 -28.37 36.36
CA ASP A 156 -4.58 -28.41 37.72
C ASP A 156 -4.28 -27.08 38.37
N LEU A 157 -3.81 -26.11 37.59
CA LEU A 157 -3.46 -24.81 38.14
C LEU A 157 -4.42 -23.67 37.79
N ASN A 158 -5.39 -23.97 36.93
CA ASN A 158 -6.36 -22.98 36.47
C ASN A 158 -5.72 -21.95 35.54
N VAL A 159 -4.53 -22.25 35.01
CA VAL A 159 -3.86 -21.31 34.11
C VAL A 159 -2.72 -21.94 33.31
N CYS A 160 -2.49 -21.43 32.11
CA CYS A 160 -1.40 -21.91 31.27
C CYS A 160 -1.05 -20.78 30.30
N PHE A 161 0.11 -20.86 29.65
CA PHE A 161 0.50 -19.82 28.70
C PHE A 161 0.76 -20.41 27.30
N LEU A 162 0.04 -19.89 26.32
CA LEU A 162 0.18 -20.32 24.93
C LEU A 162 0.93 -19.29 24.09
N PHE A 163 2.22 -19.53 23.91
CA PHE A 163 3.13 -18.67 23.15
C PHE A 163 2.80 -18.75 21.66
N ALA A 164 2.29 -17.65 21.11
CA ALA A 164 1.90 -17.59 19.70
C ALA A 164 2.83 -18.32 18.74
N PRO A 165 4.12 -17.97 18.72
CA PRO A 165 5.12 -18.59 17.83
C PRO A 165 5.00 -20.08 17.56
N GLN A 166 4.74 -20.90 18.59
CA GLN A 166 4.66 -22.34 18.36
C GLN A 166 3.30 -22.80 17.85
N TYR A 167 2.31 -21.91 17.90
CA TYR A 167 0.98 -22.23 17.42
C TYR A 167 0.70 -21.59 16.06
N HIS A 168 1.33 -20.44 15.82
CA HIS A 168 1.15 -19.72 14.57
C HIS A 168 2.47 -19.62 13.80
N THR A 169 2.97 -20.78 13.37
CA THR A 169 4.22 -20.86 12.63
C THR A 169 4.21 -19.96 11.39
N GLY A 170 3.04 -19.81 10.77
CA GLY A 170 2.93 -19.00 9.57
C GLY A 170 2.94 -17.51 9.81
N PHE A 171 2.86 -17.11 11.07
CA PHE A 171 2.85 -15.70 11.44
C PHE A 171 4.16 -15.01 11.05
N ARG A 172 5.22 -15.80 10.87
CA ARG A 172 6.53 -15.27 10.52
C ARG A 172 6.62 -14.75 9.08
N HIS A 173 5.69 -15.17 8.23
CA HIS A 173 5.68 -14.73 6.85
C HIS A 173 5.16 -13.29 6.75
N ALA A 174 4.72 -12.74 7.88
CA ALA A 174 4.19 -11.38 7.89
C ALA A 174 4.99 -10.42 8.76
N MET A 175 5.85 -10.95 9.61
CA MET A 175 6.64 -10.10 10.50
C MET A 175 7.56 -9.13 9.78
N PRO A 176 8.38 -9.62 8.85
CA PRO A 176 9.29 -8.72 8.12
C PRO A 176 8.58 -7.48 7.55
N VAL A 177 7.52 -7.68 6.77
CA VAL A 177 6.77 -6.57 6.18
C VAL A 177 6.20 -5.64 7.25
N ARG A 178 5.72 -6.21 8.34
CA ARG A 178 5.16 -5.42 9.42
C ARG A 178 6.23 -4.52 10.03
N GLN A 179 7.40 -5.10 10.31
CA GLN A 179 8.51 -4.36 10.89
C GLN A 179 8.97 -3.25 9.96
N GLN A 180 9.22 -3.61 8.70
CA GLN A 180 9.66 -2.65 7.69
C GLN A 180 8.64 -1.54 7.47
N LEU A 181 7.37 -1.85 7.74
CA LEU A 181 6.29 -0.90 7.53
C LEU A 181 6.14 0.07 8.72
N LYS A 182 6.63 -0.36 9.88
CA LYS A 182 6.59 0.44 11.10
C LYS A 182 5.32 1.27 11.27
N THR A 183 4.17 0.68 10.95
CA THR A 183 2.89 1.38 11.08
C THR A 183 1.85 0.35 11.49
N ARG A 184 0.80 0.82 12.16
CA ARG A 184 -0.25 -0.07 12.62
C ARG A 184 -1.11 -0.60 11.47
N THR A 185 -1.36 -1.89 11.49
CA THR A 185 -2.18 -2.55 10.48
C THR A 185 -3.10 -3.53 11.18
N ILE A 186 -3.97 -4.18 10.41
CA ILE A 186 -4.92 -5.14 10.96
C ILE A 186 -4.26 -6.23 11.81
N PHE A 187 -2.97 -6.50 11.59
CA PHE A 187 -2.28 -7.52 12.36
C PHE A 187 -2.17 -7.15 13.83
N ASN A 188 -2.24 -5.86 14.11
CA ASN A 188 -2.15 -5.39 15.49
C ASN A 188 -3.40 -5.84 16.27
N VAL A 189 -4.55 -5.84 15.59
CA VAL A 189 -5.80 -6.26 16.23
C VAL A 189 -6.10 -7.77 16.10
N LEU A 190 -5.40 -8.47 15.21
CA LEU A 190 -5.64 -9.90 15.04
C LEU A 190 -4.89 -10.72 16.09
N GLY A 191 -3.94 -10.09 16.77
CA GLY A 191 -3.17 -10.80 17.79
C GLY A 191 -4.02 -11.41 18.88
N PRO A 192 -4.94 -10.63 19.49
CA PRO A 192 -5.81 -11.12 20.56
C PRO A 192 -6.93 -12.08 20.13
N LEU A 193 -7.38 -11.98 18.89
CA LEU A 193 -8.48 -12.83 18.42
C LEU A 193 -8.08 -14.22 17.89
N ILE A 194 -6.88 -14.69 18.21
CA ILE A 194 -6.44 -16.00 17.70
C ILE A 194 -5.90 -17.00 18.70
N ASN A 195 -6.42 -17.00 19.93
CA ASN A 195 -5.95 -17.95 20.92
C ASN A 195 -6.28 -19.33 20.35
N PRO A 196 -5.27 -20.21 20.25
CA PRO A 196 -5.47 -21.57 19.71
C PRO A 196 -6.35 -22.49 20.57
N ALA A 197 -6.63 -22.09 21.81
CA ALA A 197 -7.47 -22.89 22.68
C ALA A 197 -8.92 -22.47 22.46
N ARG A 198 -9.15 -21.59 21.48
CA ARG A 198 -10.49 -21.10 21.17
C ARG A 198 -11.36 -20.94 22.43
N PRO A 199 -10.98 -20.04 23.34
CA PRO A 199 -11.74 -19.80 24.57
C PRO A 199 -13.10 -19.14 24.31
N PRO A 200 -14.14 -19.52 25.06
CA PRO A 200 -15.49 -18.95 24.90
C PRO A 200 -15.65 -17.58 25.57
N LYS A 201 -14.73 -17.25 26.47
CA LYS A 201 -14.77 -15.96 27.18
C LYS A 201 -13.44 -15.21 27.02
N ALA A 202 -13.50 -13.88 27.04
CA ALA A 202 -12.29 -13.10 26.89
C ALA A 202 -12.37 -11.62 27.28
N LEU A 203 -11.30 -11.14 27.91
CA LEU A 203 -11.18 -9.74 28.31
C LEU A 203 -10.12 -9.20 27.36
N ILE A 204 -10.55 -8.41 26.39
CA ILE A 204 -9.65 -7.87 25.38
C ILE A 204 -9.44 -6.36 25.43
N GLY A 205 -8.18 -5.95 25.56
CA GLY A 205 -7.85 -4.53 25.59
C GLY A 205 -7.39 -4.05 24.23
N VAL A 206 -7.83 -2.85 23.84
CA VAL A 206 -7.44 -2.26 22.55
C VAL A 206 -6.78 -0.89 22.75
N TYR A 207 -5.71 -0.62 21.99
CA TYR A 207 -4.96 0.63 22.09
C TYR A 207 -5.72 1.92 21.75
N SER A 208 -6.88 1.80 21.12
CA SER A 208 -7.65 3.00 20.77
C SER A 208 -9.14 2.85 21.10
N PRO A 209 -9.80 3.96 21.45
CA PRO A 209 -11.23 3.96 21.79
C PRO A 209 -12.11 3.61 20.61
N GLU A 210 -11.62 3.89 19.41
CA GLU A 210 -12.38 3.60 18.20
C GLU A 210 -12.37 2.11 17.89
N LEU A 211 -11.48 1.37 18.53
CA LEU A 211 -11.39 -0.07 18.31
C LEU A 211 -12.34 -0.87 19.21
N VAL A 212 -12.73 -0.28 20.33
CA VAL A 212 -13.62 -0.97 21.29
C VAL A 212 -14.87 -1.62 20.68
N LEU A 213 -15.67 -0.83 19.97
CA LEU A 213 -16.89 -1.34 19.36
C LEU A 213 -16.66 -2.29 18.18
N PRO A 214 -15.72 -1.95 17.27
CA PRO A 214 -15.44 -2.81 16.11
C PRO A 214 -15.08 -4.24 16.51
N ILE A 215 -14.11 -4.36 17.42
CA ILE A 215 -13.68 -5.67 17.90
C ILE A 215 -14.85 -6.44 18.49
N ALA A 216 -15.63 -5.78 19.35
CA ALA A 216 -16.79 -6.41 19.98
C ALA A 216 -17.60 -7.13 18.93
N GLN A 217 -17.97 -6.39 17.88
CA GLN A 217 -18.75 -6.93 16.79
C GLN A 217 -18.01 -8.08 16.09
N ALA A 218 -16.68 -8.01 16.11
CA ALA A 218 -15.87 -9.05 15.48
C ALA A 218 -15.96 -10.33 16.30
N LEU A 219 -15.88 -10.18 17.63
CA LEU A 219 -15.97 -11.33 18.51
C LEU A 219 -17.34 -11.98 18.37
N LYS A 220 -18.37 -11.17 18.16
CA LYS A 220 -19.72 -11.70 17.98
C LYS A 220 -19.76 -12.60 16.75
N VAL A 221 -19.23 -12.11 15.63
CA VAL A 221 -19.19 -12.88 14.39
C VAL A 221 -18.38 -14.16 14.62
N LEU A 222 -17.31 -14.05 15.41
CA LEU A 222 -16.48 -15.21 15.71
C LEU A 222 -17.21 -16.16 16.66
N GLY A 223 -18.39 -15.74 17.10
CA GLY A 223 -19.20 -16.56 17.99
C GLY A 223 -18.81 -16.69 19.44
N TYR A 224 -18.18 -15.67 20.03
CA TYR A 224 -17.79 -15.73 21.44
C TYR A 224 -19.06 -15.64 22.30
N LYS A 225 -19.09 -16.37 23.41
CA LYS A 225 -20.25 -16.32 24.31
C LYS A 225 -20.30 -15.03 25.12
N ASN A 226 -19.30 -14.85 25.98
CA ASN A 226 -19.20 -13.68 26.85
C ASN A 226 -17.83 -13.06 26.68
N ALA A 227 -17.80 -11.76 26.40
CA ALA A 227 -16.52 -11.07 26.22
C ALA A 227 -16.66 -9.58 26.49
N ALA A 228 -15.53 -8.92 26.75
CA ALA A 228 -15.50 -7.49 27.00
C ALA A 228 -14.26 -6.87 26.34
N VAL A 229 -14.48 -5.75 25.64
CA VAL A 229 -13.40 -5.03 24.97
C VAL A 229 -13.25 -3.70 25.71
N VAL A 230 -12.05 -3.43 26.20
CA VAL A 230 -11.78 -2.23 26.98
C VAL A 230 -10.68 -1.28 26.49
N HIS A 231 -10.79 -0.02 26.90
CA HIS A 231 -9.82 1.04 26.63
C HIS A 231 -10.08 2.20 27.58
N GLY A 232 -9.03 2.74 28.20
CA GLY A 232 -9.23 3.85 29.10
C GLY A 232 -7.96 4.62 29.42
N GLY A 233 -8.03 5.94 29.30
CA GLY A 233 -6.87 6.79 29.58
C GLY A 233 -5.65 6.45 28.77
N GLY A 234 -5.87 5.84 27.61
CA GLY A 234 -4.78 5.46 26.74
C GLY A 234 -4.34 4.03 26.98
N MET A 235 -4.83 3.42 28.06
CA MET A 235 -4.47 2.04 28.36
C MET A 235 -5.39 1.06 27.65
N ASP A 236 -4.80 -0.02 27.14
CA ASP A 236 -5.58 -1.05 26.46
C ASP A 236 -6.00 -2.06 27.52
N GLU A 237 -6.68 -1.54 28.54
CA GLU A 237 -7.16 -2.35 29.66
C GLU A 237 -8.21 -1.59 30.43
N VAL A 238 -8.40 -2.01 31.67
CA VAL A 238 -9.33 -1.35 32.58
C VAL A 238 -8.38 -0.39 33.30
N ALA A 239 -8.74 0.89 33.36
CA ALA A 239 -7.88 1.89 33.98
C ALA A 239 -8.27 2.29 35.41
N ILE A 240 -7.26 2.60 36.23
CA ILE A 240 -7.48 3.04 37.60
C ILE A 240 -7.25 4.55 37.69
N HIS A 241 -6.58 5.09 36.69
CA HIS A 241 -6.29 6.52 36.64
C HIS A 241 -7.32 7.27 35.81
N THR A 242 -8.42 6.61 35.45
CA THR A 242 -9.45 7.25 34.63
C THR A 242 -10.50 6.24 34.15
N PRO A 243 -11.66 6.73 33.70
CA PRO A 243 -12.72 5.84 33.22
C PRO A 243 -12.28 4.93 32.06
N THR A 244 -12.95 3.79 31.95
CA THR A 244 -12.66 2.82 30.90
C THR A 244 -13.89 2.59 30.04
N GLN A 245 -13.73 2.77 28.73
CA GLN A 245 -14.84 2.55 27.81
C GLN A 245 -14.95 1.04 27.61
N VAL A 246 -16.18 0.53 27.69
CA VAL A 246 -16.42 -0.89 27.56
C VAL A 246 -17.49 -1.26 26.53
N ALA A 247 -17.30 -2.41 25.90
CA ALA A 247 -18.25 -2.95 24.91
C ALA A 247 -18.33 -4.41 25.33
N GLU A 248 -19.45 -4.82 25.91
CA GLU A 248 -19.59 -6.19 26.37
C GLU A 248 -20.51 -7.01 25.51
N LEU A 249 -20.08 -8.24 25.23
CA LEU A 249 -20.87 -9.18 24.44
C LEU A 249 -21.45 -10.22 25.40
N ASN A 250 -22.74 -10.50 25.25
CA ASN A 250 -23.42 -11.49 26.09
C ASN A 250 -24.70 -11.93 25.39
N ASN A 251 -24.84 -13.25 25.19
CA ASN A 251 -26.00 -13.81 24.50
C ASN A 251 -26.08 -13.25 23.10
N GLY A 252 -24.92 -13.00 22.49
CA GLY A 252 -24.91 -12.46 21.15
C GLY A 252 -25.49 -11.05 21.17
N GLU A 253 -25.45 -10.42 22.35
CA GLU A 253 -25.96 -9.07 22.51
C GLU A 253 -24.83 -8.17 23.01
N ILE A 254 -24.68 -7.01 22.38
CA ILE A 254 -23.62 -6.07 22.77
C ILE A 254 -24.16 -4.83 23.49
N GLU A 255 -23.46 -4.42 24.54
CA GLU A 255 -23.86 -3.25 25.31
C GLU A 255 -22.66 -2.35 25.54
N SER A 256 -22.89 -1.04 25.49
CA SER A 256 -21.83 -0.07 25.70
C SER A 256 -22.10 0.71 26.98
N TYR A 257 -21.04 0.90 27.76
CA TYR A 257 -21.13 1.66 29.01
C TYR A 257 -19.72 2.03 29.43
N GLN A 258 -19.59 2.79 30.51
CA GLN A 258 -18.28 3.19 30.98
C GLN A 258 -18.12 2.89 32.47
N LEU A 259 -16.92 2.46 32.85
CA LEU A 259 -16.64 2.14 34.23
C LEU A 259 -15.55 3.05 34.78
N SER A 260 -15.59 3.28 36.09
CA SER A 260 -14.62 4.12 36.78
C SER A 260 -14.05 3.31 37.94
N PRO A 261 -12.90 3.73 38.49
CA PRO A 261 -12.31 2.99 39.60
C PRO A 261 -13.24 2.85 40.81
N GLN A 262 -14.11 3.84 41.03
CA GLN A 262 -15.02 3.77 42.16
C GLN A 262 -16.10 2.71 41.94
N ASP A 263 -16.24 2.23 40.71
CA ASP A 263 -17.23 1.20 40.40
C ASP A 263 -16.80 -0.16 40.94
N PHE A 264 -15.51 -0.26 41.27
CA PHE A 264 -14.95 -1.49 41.84
C PHE A 264 -14.68 -1.26 43.32
N GLY A 265 -15.16 -0.14 43.83
CA GLY A 265 -14.93 0.18 45.23
C GLY A 265 -13.45 0.46 45.43
N LEU A 266 -12.79 0.87 44.35
CA LEU A 266 -11.36 1.18 44.39
C LEU A 266 -11.18 2.69 44.27
N GLN A 267 -10.02 3.19 44.68
CA GLN A 267 -9.75 4.61 44.60
C GLN A 267 -8.98 4.95 43.34
N SER A 268 -9.40 6.02 42.65
CA SER A 268 -8.72 6.44 41.41
C SER A 268 -7.26 6.81 41.72
N TYR A 269 -6.35 6.44 40.81
CA TYR A 269 -4.91 6.71 40.98
C TYR A 269 -4.35 7.53 39.81
N SER A 270 -3.06 7.34 39.52
CA SER A 270 -2.42 8.07 38.42
C SER A 270 -1.65 7.10 37.54
N LEU A 271 -1.74 7.31 36.22
CA LEU A 271 -1.07 6.43 35.27
C LEU A 271 0.37 6.23 35.69
N ASN A 272 1.02 7.34 36.04
CA ASN A 272 2.42 7.33 36.45
C ASN A 272 2.73 6.28 37.51
N ALA A 273 1.77 5.99 38.37
CA ALA A 273 1.94 4.99 39.43
C ALA A 273 2.14 3.60 38.81
N LEU A 274 1.69 3.46 37.57
CA LEU A 274 1.80 2.22 36.80
C LEU A 274 2.75 2.49 35.63
N GLN A 275 4.05 2.49 35.91
CA GLN A 275 5.06 2.75 34.90
C GLN A 275 6.07 1.61 34.90
N GLY A 276 6.38 1.08 33.71
CA GLY A 276 7.31 -0.03 33.61
C GLY A 276 8.75 0.33 33.94
N GLY A 277 9.61 -0.68 33.98
CA GLY A 277 11.02 -0.45 34.29
C GLY A 277 11.94 -1.20 33.34
N THR A 278 12.65 -2.20 33.86
CA THR A 278 13.57 -3.00 33.05
C THR A 278 13.37 -4.47 33.39
N PRO A 279 13.92 -5.38 32.56
CA PRO A 279 13.80 -6.82 32.79
C PRO A 279 13.84 -7.24 34.27
N GLU A 280 14.95 -6.96 34.94
CA GLU A 280 15.12 -7.31 36.35
C GLU A 280 14.09 -6.64 37.26
N GLU A 281 13.90 -5.33 37.07
CA GLU A 281 12.94 -4.55 37.86
C GLU A 281 11.53 -5.11 37.76
N ASN A 282 11.00 -5.13 36.54
CA ASN A 282 9.65 -5.62 36.28
C ASN A 282 9.45 -7.03 36.86
N ARG A 283 10.47 -7.87 36.77
CA ARG A 283 10.36 -9.22 37.31
C ARG A 283 10.11 -9.10 38.82
N ASP A 284 10.83 -8.19 39.45
CA ASP A 284 10.68 -7.96 40.89
C ASP A 284 9.30 -7.38 41.17
N ILE A 285 8.86 -6.45 40.32
CA ILE A 285 7.56 -5.84 40.48
C ILE A 285 6.48 -6.90 40.58
N LEU A 286 6.34 -7.68 39.52
CA LEU A 286 5.33 -8.72 39.46
C LEU A 286 5.53 -9.83 40.48
N ALA A 287 6.77 -10.06 40.90
CA ALA A 287 7.02 -11.11 41.88
C ALA A 287 6.60 -10.62 43.25
N ARG A 288 7.07 -9.44 43.62
CA ARG A 288 6.75 -8.85 44.91
C ARG A 288 5.28 -8.43 44.95
N LEU A 289 4.63 -8.43 43.79
CA LEU A 289 3.22 -8.07 43.72
C LEU A 289 2.37 -9.30 43.97
N LEU A 290 2.55 -10.32 43.12
CA LEU A 290 1.82 -11.56 43.24
C LEU A 290 2.09 -12.21 44.60
N GLN A 291 3.11 -11.70 45.29
CA GLN A 291 3.47 -12.17 46.61
C GLN A 291 2.79 -11.30 47.65
N GLY A 292 2.10 -10.27 47.18
CA GLY A 292 1.40 -9.36 48.06
C GLY A 292 2.31 -8.37 48.77
N LYS A 293 3.22 -7.75 48.02
CA LYS A 293 4.17 -6.80 48.58
C LYS A 293 4.48 -5.66 47.60
N GLY A 294 3.62 -5.48 46.59
CA GLY A 294 3.83 -4.43 45.62
C GLY A 294 3.21 -3.12 46.05
N ASP A 295 3.02 -2.20 45.11
CA ASP A 295 2.42 -0.91 45.43
C ASP A 295 0.91 -1.09 45.55
N ALA A 296 0.22 -0.01 45.87
CA ALA A 296 -1.22 -0.06 46.01
C ALA A 296 -1.83 0.16 44.64
N ALA A 297 -1.23 1.03 43.85
CA ALA A 297 -1.74 1.32 42.51
C ALA A 297 -1.65 0.08 41.62
N HIS A 298 -0.63 -0.74 41.83
CA HIS A 298 -0.44 -1.95 41.04
C HIS A 298 -1.54 -2.97 41.36
N ALA A 299 -1.77 -3.18 42.66
CA ALA A 299 -2.79 -4.12 43.12
C ALA A 299 -4.17 -3.68 42.65
N ARG A 300 -4.41 -2.37 42.69
CA ARG A 300 -5.69 -1.80 42.26
C ARG A 300 -6.00 -2.07 40.78
N GLN A 301 -5.11 -1.66 39.89
CA GLN A 301 -5.32 -1.85 38.46
C GLN A 301 -5.58 -3.31 38.10
N VAL A 302 -4.85 -4.22 38.73
CA VAL A 302 -5.01 -5.65 38.47
C VAL A 302 -6.38 -6.12 38.93
N ALA A 303 -6.69 -5.89 40.21
CA ALA A 303 -7.97 -6.31 40.76
C ALA A 303 -9.12 -5.79 39.92
N ALA A 304 -8.94 -4.59 39.37
CA ALA A 304 -9.99 -4.00 38.56
C ALA A 304 -10.21 -4.81 37.29
N ASN A 305 -9.12 -5.30 36.70
CA ASN A 305 -9.20 -6.08 35.47
C ASN A 305 -9.71 -7.49 35.74
N VAL A 306 -9.30 -8.05 36.87
CA VAL A 306 -9.76 -9.37 37.26
C VAL A 306 -11.24 -9.30 37.60
N ALA A 307 -11.64 -8.19 38.24
CA ALA A 307 -13.04 -7.99 38.61
C ALA A 307 -13.94 -7.94 37.38
N LEU A 308 -13.50 -7.28 36.32
CA LEU A 308 -14.33 -7.22 35.12
C LEU A 308 -14.37 -8.58 34.43
N LEU A 309 -13.26 -9.30 34.46
CA LEU A 309 -13.19 -10.62 33.85
C LEU A 309 -14.13 -11.58 34.55
N LEU A 310 -14.18 -11.50 35.88
CA LEU A 310 -15.04 -12.39 36.67
C LEU A 310 -16.50 -12.14 36.34
N LYS A 311 -16.79 -11.00 35.74
CA LYS A 311 -18.16 -10.70 35.37
C LYS A 311 -18.50 -11.51 34.14
N LEU A 312 -17.47 -11.95 33.42
CA LEU A 312 -17.71 -12.75 32.21
C LEU A 312 -18.04 -14.18 32.61
N PHE A 313 -17.79 -14.49 33.89
CA PHE A 313 -18.09 -15.80 34.44
C PHE A 313 -19.42 -15.75 35.23
N GLY A 314 -20.09 -14.61 35.21
CA GLY A 314 -21.36 -14.50 35.90
C GLY A 314 -21.36 -13.83 37.26
N GLN A 315 -20.21 -13.31 37.68
CA GLN A 315 -20.11 -12.62 38.97
C GLN A 315 -20.29 -11.13 38.65
N ASP A 316 -21.49 -10.63 38.90
CA ASP A 316 -21.86 -9.24 38.57
C ASP A 316 -21.56 -8.11 39.56
N ASN A 317 -21.13 -8.45 40.76
CA ASN A 317 -20.83 -7.40 41.74
C ASN A 317 -19.35 -7.05 41.68
N LEU A 318 -19.04 -6.07 40.83
CA LEU A 318 -17.68 -5.62 40.62
C LEU A 318 -16.96 -5.25 41.91
N ARG A 319 -17.69 -4.69 42.87
CA ARG A 319 -17.05 -4.32 44.12
C ARG A 319 -16.58 -5.56 44.88
N HIS A 320 -17.42 -6.57 44.98
CA HIS A 320 -17.05 -7.81 45.67
C HIS A 320 -15.92 -8.49 44.90
N ASN A 321 -16.04 -8.56 43.57
CA ASN A 321 -15.00 -9.17 42.73
C ASN A 321 -13.64 -8.50 42.98
N ALA A 322 -13.64 -7.18 43.01
CA ALA A 322 -12.42 -6.42 43.27
C ALA A 322 -11.86 -6.74 44.64
N GLN A 323 -12.72 -6.74 45.67
CA GLN A 323 -12.27 -7.05 47.02
C GLN A 323 -11.64 -8.43 47.09
N LEU A 324 -12.25 -9.41 46.43
CA LEU A 324 -11.70 -10.76 46.44
C LEU A 324 -10.37 -10.79 45.69
N ALA A 325 -10.32 -10.21 44.49
CA ALA A 325 -9.08 -10.19 43.71
C ALA A 325 -7.96 -9.57 44.54
N LEU A 326 -8.27 -8.46 45.21
CA LEU A 326 -7.28 -7.77 46.06
C LEU A 326 -6.78 -8.62 47.22
N GLU A 327 -7.67 -9.38 47.83
CA GLU A 327 -7.26 -10.20 48.96
C GLU A 327 -6.48 -11.42 48.46
N THR A 328 -6.86 -11.91 47.28
CA THR A 328 -6.17 -13.04 46.68
C THR A 328 -4.73 -12.60 46.40
N ILE A 329 -4.60 -11.37 45.91
CA ILE A 329 -3.29 -10.81 45.62
C ILE A 329 -2.50 -10.83 46.93
N ARG A 330 -2.83 -9.87 47.80
CA ARG A 330 -2.20 -9.71 49.11
C ARG A 330 -1.88 -11.05 49.79
N SER A 331 -2.62 -12.08 49.41
CA SER A 331 -2.44 -13.42 49.96
C SER A 331 -1.10 -14.05 49.57
N GLY A 332 -0.56 -13.61 48.43
CA GLY A 332 0.71 -14.15 47.95
C GLY A 332 0.52 -15.47 47.23
N THR A 333 -0.65 -16.07 47.42
CA THR A 333 -1.00 -17.36 46.81
C THR A 333 -0.85 -17.38 45.29
N ALA A 334 -0.90 -16.22 44.65
CA ALA A 334 -0.78 -16.19 43.20
C ALA A 334 0.63 -16.55 42.74
N PHE A 335 1.65 -15.98 43.39
CA PHE A 335 3.02 -16.26 43.00
C PHE A 335 3.33 -17.75 43.11
N GLU A 336 2.74 -18.42 44.10
CA GLU A 336 2.96 -19.84 44.28
C GLU A 336 2.42 -20.58 43.04
N ARG A 337 1.83 -19.82 42.11
CA ARG A 337 1.27 -20.41 40.90
C ARG A 337 2.19 -20.25 39.69
N VAL A 338 3.12 -19.30 39.76
CA VAL A 338 4.08 -19.08 38.67
C VAL A 338 5.21 -20.08 38.88
N THR A 339 5.32 -20.56 40.12
CA THR A 339 6.34 -21.52 40.50
C THR A 339 5.86 -22.93 40.18
N ALA A 340 4.59 -23.19 40.48
CA ALA A 340 3.98 -24.49 40.22
C ALA A 340 4.00 -24.74 38.72
N LEU A 341 3.91 -23.64 37.98
CA LEU A 341 3.91 -23.68 36.53
C LEU A 341 5.34 -23.73 35.99
N ALA A 342 6.25 -23.08 36.71
CA ALA A 342 7.65 -23.03 36.30
C ALA A 342 8.36 -24.37 36.44
N ALA A 343 7.64 -25.38 36.91
CA ALA A 343 8.22 -26.71 37.08
C ALA A 343 7.68 -27.67 36.04
N ARG A 344 7.55 -27.21 34.80
CA ARG A 344 7.03 -28.05 33.73
C ARG A 344 7.18 -27.40 32.36
N THR B 12 15.75 8.98 6.90
CA THR B 12 14.51 8.15 6.85
C THR B 12 13.31 9.01 6.47
N HIS B 13 12.47 8.46 5.58
CA HIS B 13 11.29 9.16 5.10
C HIS B 13 10.01 8.62 5.72
N GLN B 14 10.15 8.05 6.93
CA GLN B 14 9.00 7.50 7.63
C GLN B 14 7.89 8.54 7.82
N PRO B 15 8.26 9.80 8.10
CA PRO B 15 7.25 10.84 8.29
C PRO B 15 6.38 11.05 7.05
N ILE B 16 6.96 10.86 5.87
CA ILE B 16 6.21 11.03 4.63
C ILE B 16 5.29 9.83 4.39
N LEU B 17 5.76 8.64 4.71
CA LEU B 17 4.97 7.43 4.53
C LEU B 17 3.78 7.40 5.49
N GLU B 18 3.94 7.95 6.70
CA GLU B 18 2.86 7.96 7.67
C GLU B 18 1.79 8.98 7.25
N LYS B 19 2.22 10.00 6.50
CA LYS B 19 1.31 11.03 6.01
C LYS B 19 0.51 10.45 4.84
N LEU B 20 1.15 9.61 4.03
CA LEU B 20 0.49 8.97 2.89
C LEU B 20 -0.59 8.01 3.37
N PHE B 21 -0.30 7.28 4.44
CA PHE B 21 -1.24 6.31 4.98
C PHE B 21 -2.45 6.94 5.67
N LYS B 22 -2.46 8.27 5.76
CA LYS B 22 -3.57 8.99 6.37
C LYS B 22 -4.36 9.72 5.30
N SER B 23 -4.17 9.33 4.05
CA SER B 23 -4.86 9.94 2.91
C SER B 23 -4.49 11.40 2.68
N GLN B 24 -3.31 11.80 3.11
CA GLN B 24 -2.85 13.16 2.93
C GLN B 24 -1.89 13.23 1.75
N SER B 25 -1.94 14.34 1.00
CA SER B 25 -1.05 14.50 -0.15
C SER B 25 0.30 15.10 0.24
N MET B 26 1.35 14.69 -0.46
CA MET B 26 2.68 15.22 -0.20
C MET B 26 2.82 16.50 -1.00
N THR B 27 3.76 17.35 -0.61
CA THR B 27 4.00 18.58 -1.36
C THR B 27 4.95 18.16 -2.48
N GLN B 28 5.19 19.07 -3.42
CA GLN B 28 6.09 18.75 -4.51
C GLN B 28 7.46 18.44 -3.95
N GLU B 29 7.81 19.13 -2.86
CA GLU B 29 9.10 18.93 -2.19
C GLU B 29 9.16 17.53 -1.59
N GLU B 30 8.15 17.20 -0.79
CA GLU B 30 8.10 15.89 -0.16
C GLU B 30 8.10 14.78 -1.21
N SER B 31 7.29 14.97 -2.24
CA SER B 31 7.18 14.01 -3.33
C SER B 31 8.55 13.80 -3.96
N HIS B 32 9.26 14.91 -4.18
CA HIS B 32 10.59 14.88 -4.77
C HIS B 32 11.53 14.07 -3.88
N GLN B 33 11.46 14.29 -2.57
CA GLN B 33 12.30 13.57 -1.62
C GLN B 33 12.02 12.07 -1.64
N LEU B 34 10.75 11.72 -1.51
CA LEU B 34 10.35 10.32 -1.49
C LEU B 34 10.79 9.58 -2.76
N PHE B 35 10.53 10.15 -3.92
CA PHE B 35 10.94 9.50 -5.15
C PHE B 35 12.44 9.60 -5.43
N ALA B 36 13.10 10.56 -4.79
CA ALA B 36 14.54 10.73 -4.97
C ALA B 36 15.21 9.60 -4.21
N ALA B 37 14.44 8.99 -3.31
CA ALA B 37 14.93 7.88 -2.51
C ALA B 37 14.57 6.57 -3.20
N ILE B 38 13.39 6.53 -3.82
CA ILE B 38 12.96 5.32 -4.52
C ILE B 38 13.86 4.93 -5.69
N VAL B 39 14.33 5.91 -6.47
CA VAL B 39 15.18 5.62 -7.63
C VAL B 39 16.58 5.13 -7.30
N ARG B 40 17.01 5.31 -6.07
CA ARG B 40 18.33 4.86 -5.66
C ARG B 40 18.18 3.58 -4.84
N GLY B 41 17.11 2.83 -5.11
CA GLY B 41 16.84 1.59 -4.42
C GLY B 41 16.98 1.64 -2.90
N GLU B 42 16.56 2.74 -2.28
CA GLU B 42 16.65 2.89 -0.83
C GLU B 42 15.43 2.40 -0.03
N LEU B 43 14.33 2.09 -0.72
CA LEU B 43 13.14 1.59 -0.02
C LEU B 43 12.91 0.10 -0.21
N GLU B 44 12.46 -0.55 0.86
CA GLU B 44 12.16 -1.98 0.85
C GLU B 44 10.95 -2.19 -0.06
N ASP B 45 10.82 -3.39 -0.60
CA ASP B 45 9.68 -3.70 -1.46
C ASP B 45 8.38 -3.29 -0.79
N SER B 46 8.25 -3.66 0.49
CA SER B 46 7.05 -3.36 1.26
C SER B 46 6.72 -1.89 1.29
N GLN B 47 7.73 -1.05 1.52
CA GLN B 47 7.56 0.39 1.62
C GLN B 47 7.22 1.04 0.28
N LEU B 48 7.87 0.58 -0.78
CA LEU B 48 7.62 1.13 -2.11
C LEU B 48 6.19 0.82 -2.50
N ALA B 49 5.79 -0.43 -2.30
CA ALA B 49 4.44 -0.88 -2.63
C ALA B 49 3.42 -0.11 -1.79
N ALA B 50 3.73 0.12 -0.52
CA ALA B 50 2.82 0.86 0.36
C ALA B 50 2.69 2.28 -0.14
N ALA B 51 3.82 2.85 -0.53
CA ALA B 51 3.83 4.21 -1.04
C ALA B 51 2.99 4.30 -2.32
N LEU B 52 3.19 3.35 -3.24
CA LEU B 52 2.47 3.38 -4.51
C LEU B 52 0.95 3.16 -4.38
N ILE B 53 0.55 2.22 -3.54
CA ILE B 53 -0.87 1.94 -3.35
C ILE B 53 -1.61 3.08 -2.66
N SER B 54 -0.97 3.68 -1.65
CA SER B 54 -1.60 4.77 -0.90
C SER B 54 -1.87 6.00 -1.76
N MET B 55 -1.03 6.25 -2.75
CA MET B 55 -1.20 7.40 -3.65
C MET B 55 -2.22 7.03 -4.72
N LYS B 56 -2.20 5.75 -5.09
CA LYS B 56 -3.13 5.23 -6.07
C LYS B 56 -4.56 5.43 -5.57
N MET B 57 -4.85 4.86 -4.41
CA MET B 57 -6.17 4.93 -3.80
C MET B 57 -6.74 6.33 -3.57
N ARG B 58 -5.88 7.24 -3.18
CA ARG B 58 -6.29 8.61 -2.93
C ARG B 58 -6.48 9.42 -4.21
N GLY B 59 -5.53 9.25 -5.14
CA GLY B 59 -5.56 10.00 -6.39
C GLY B 59 -4.37 10.92 -6.37
N GLU B 60 -3.40 10.70 -7.26
CA GLU B 60 -2.20 11.51 -7.29
C GLU B 60 -2.46 12.92 -7.81
N ARG B 61 -1.98 13.92 -7.08
CA ARG B 61 -2.16 15.32 -7.47
C ARG B 61 -1.01 15.81 -8.35
N PRO B 62 -1.28 16.85 -9.18
CA PRO B 62 -0.34 17.49 -10.09
C PRO B 62 1.02 17.79 -9.45
N GLU B 63 0.98 18.37 -8.26
CA GLU B 63 2.20 18.73 -7.55
C GLU B 63 3.03 17.51 -7.17
N GLU B 64 2.36 16.39 -6.92
CA GLU B 64 3.07 15.16 -6.54
C GLU B 64 3.68 14.53 -7.79
N ILE B 65 2.97 14.63 -8.92
CA ILE B 65 3.46 14.05 -10.16
C ILE B 65 4.75 14.77 -10.58
N ALA B 66 4.76 16.09 -10.44
CA ALA B 66 5.93 16.91 -10.80
C ALA B 66 7.12 16.60 -9.89
N GLY B 67 6.88 16.58 -8.58
CA GLY B 67 7.95 16.27 -7.64
C GLY B 67 8.62 14.97 -8.03
N ALA B 68 7.81 13.94 -8.25
CA ALA B 68 8.33 12.62 -8.65
C ALA B 68 9.12 12.68 -9.97
N ALA B 69 8.60 13.38 -10.97
CA ALA B 69 9.30 13.48 -12.24
C ALA B 69 10.60 14.26 -12.07
N SER B 70 10.55 15.35 -11.30
CA SER B 70 11.74 16.15 -11.05
C SER B 70 12.84 15.29 -10.45
N ALA B 71 12.44 14.40 -9.55
CA ALA B 71 13.37 13.49 -8.90
C ALA B 71 14.04 12.59 -9.93
N LEU B 72 13.24 11.95 -10.76
CA LEU B 72 13.77 11.05 -11.78
C LEU B 72 14.71 11.78 -12.74
N LEU B 73 14.34 13.00 -13.12
CA LEU B 73 15.16 13.79 -14.01
C LEU B 73 16.48 14.18 -13.33
N ALA B 74 16.47 14.26 -12.00
CA ALA B 74 17.68 14.62 -11.26
C ALA B 74 18.77 13.58 -11.44
N ASP B 75 18.39 12.31 -11.39
CA ASP B 75 19.36 11.21 -11.55
C ASP B 75 19.58 10.76 -12.99
N ALA B 76 18.84 11.36 -13.92
CA ALA B 76 18.97 11.00 -15.33
C ALA B 76 20.35 11.34 -15.85
N GLN B 77 20.90 10.48 -16.71
CA GLN B 77 22.19 10.75 -17.32
C GLN B 77 22.06 12.08 -18.07
N PRO B 78 23.17 12.82 -18.22
CA PRO B 78 23.09 14.10 -18.93
C PRO B 78 22.85 13.99 -20.44
N PHE B 79 22.44 15.11 -21.02
CA PHE B 79 22.18 15.24 -22.46
C PHE B 79 22.32 16.72 -22.81
N PRO B 80 23.20 17.06 -23.79
CA PRO B 80 23.38 18.47 -24.17
C PRO B 80 22.14 19.07 -24.85
N ARG B 81 21.35 19.79 -24.07
CA ARG B 81 20.11 20.42 -24.52
C ARG B 81 20.28 21.63 -25.44
N PRO B 82 19.83 21.53 -26.72
CA PRO B 82 19.96 22.64 -27.67
C PRO B 82 19.13 23.84 -27.26
N ASP B 83 19.38 24.99 -27.89
CA ASP B 83 18.63 26.21 -27.56
C ASP B 83 17.43 26.46 -28.47
N TYR B 84 17.43 25.81 -29.63
CA TYR B 84 16.33 25.97 -30.57
C TYR B 84 15.12 25.18 -30.14
N ASP B 85 14.00 25.38 -30.83
CA ASP B 85 12.78 24.68 -30.47
C ASP B 85 12.74 23.24 -30.97
N PHE B 86 12.28 22.35 -30.10
CA PHE B 86 12.15 20.93 -30.39
C PHE B 86 11.13 20.37 -29.40
N ALA B 87 10.61 19.20 -29.70
CA ALA B 87 9.60 18.60 -28.84
C ALA B 87 9.73 17.09 -28.76
N ASP B 88 8.89 16.51 -27.91
CA ASP B 88 8.79 15.06 -27.73
C ASP B 88 7.35 14.71 -28.11
N ILE B 89 7.10 13.44 -28.33
CA ILE B 89 5.77 12.95 -28.63
C ILE B 89 5.74 11.51 -28.11
N VAL B 90 5.11 11.34 -26.95
CA VAL B 90 5.02 10.03 -26.29
C VAL B 90 3.78 9.90 -25.39
N GLY B 91 3.40 8.66 -25.12
CA GLY B 91 2.24 8.41 -24.29
C GLY B 91 2.51 7.35 -23.26
N THR B 92 1.65 7.30 -22.24
CA THR B 92 1.75 6.33 -21.15
C THR B 92 1.65 4.91 -21.67
N GLY B 93 1.15 4.74 -22.89
CA GLY B 93 0.97 3.42 -23.44
C GLY B 93 -0.07 2.70 -22.61
N GLY B 94 -0.11 1.37 -22.68
CA GLY B 94 -1.09 0.62 -21.91
C GLY B 94 -2.56 0.97 -22.12
N ASP B 95 -2.94 1.41 -23.32
CA ASP B 95 -4.34 1.76 -23.61
C ASP B 95 -5.17 0.56 -24.05
N GLY B 96 -4.53 -0.61 -24.13
CA GLY B 96 -5.20 -1.83 -24.51
C GLY B 96 -5.84 -1.80 -25.88
N THR B 97 -5.34 -0.90 -26.74
CA THR B 97 -5.87 -0.69 -28.07
C THR B 97 -5.21 -1.58 -29.15
N ASN B 98 -3.93 -1.93 -28.92
CA ASN B 98 -3.14 -2.76 -29.84
C ASN B 98 -2.93 -2.11 -31.20
N SER B 99 -2.93 -0.79 -31.23
CA SER B 99 -2.74 -0.07 -32.49
C SER B 99 -1.29 -0.08 -32.94
N ILE B 100 -1.04 0.43 -34.13
CA ILE B 100 0.32 0.53 -34.65
C ILE B 100 1.02 1.62 -33.81
N ASN B 101 2.31 1.80 -34.04
CA ASN B 101 3.08 2.79 -33.28
C ASN B 101 2.91 4.21 -33.81
N ILE B 102 1.86 4.87 -33.35
CA ILE B 102 1.53 6.23 -33.78
C ILE B 102 2.60 7.28 -33.51
N SER B 103 2.98 7.45 -32.26
CA SER B 103 3.98 8.47 -31.91
C SER B 103 5.33 8.33 -32.62
N THR B 104 5.82 7.10 -32.78
CA THR B 104 7.09 6.88 -33.45
C THR B 104 7.00 7.32 -34.91
N ALA B 105 5.93 6.91 -35.58
CA ALA B 105 5.75 7.30 -36.98
C ALA B 105 5.58 8.82 -37.07
N SER B 106 4.76 9.38 -36.19
CA SER B 106 4.55 10.83 -36.20
C SER B 106 5.88 11.56 -35.97
N ALA B 107 6.77 10.91 -35.22
CA ALA B 107 8.08 11.49 -34.94
C ALA B 107 8.94 11.73 -36.18
N PHE B 108 9.01 10.75 -37.08
CA PHE B 108 9.84 10.90 -38.28
C PHE B 108 9.19 11.76 -39.35
N VAL B 109 7.85 11.76 -39.37
CA VAL B 109 7.09 12.56 -40.34
C VAL B 109 7.19 14.03 -39.98
N ALA B 110 7.08 14.32 -38.70
CA ALA B 110 7.15 15.69 -38.21
C ALA B 110 8.52 16.26 -38.58
N ALA B 111 9.56 15.47 -38.37
CA ALA B 111 10.91 15.93 -38.67
C ALA B 111 11.09 16.20 -40.16
N SER B 112 10.53 15.31 -40.98
CA SER B 112 10.65 15.45 -42.42
C SER B 112 10.02 16.72 -42.96
N CYS B 113 9.20 17.41 -42.15
CA CYS B 113 8.62 18.65 -42.63
C CYS B 113 9.12 19.87 -41.86
N GLY B 114 10.20 19.68 -41.09
CA GLY B 114 10.76 20.81 -40.36
C GLY B 114 10.69 20.88 -38.84
N ALA B 115 9.96 19.99 -38.19
CA ALA B 115 9.86 20.04 -36.74
C ALA B 115 10.95 19.18 -36.07
N LYS B 116 11.62 19.74 -35.08
CA LYS B 116 12.68 19.02 -34.35
C LYS B 116 12.04 18.14 -33.28
N VAL B 117 12.30 16.84 -33.34
CA VAL B 117 11.72 15.92 -32.38
C VAL B 117 12.71 14.99 -31.71
N ALA B 118 12.89 15.18 -30.40
CA ALA B 118 13.78 14.35 -29.61
C ALA B 118 12.87 13.45 -28.81
N LYS B 119 12.43 12.36 -29.44
CA LYS B 119 11.52 11.44 -28.81
C LYS B 119 12.15 10.54 -27.76
N HIS B 120 11.46 10.45 -26.63
CA HIS B 120 11.86 9.64 -25.49
C HIS B 120 11.05 8.35 -25.57
N GLY B 121 11.69 7.20 -25.42
CA GLY B 121 10.96 5.95 -25.48
C GLY B 121 11.14 5.09 -24.26
N ASN B 122 10.06 4.52 -23.76
CA ASN B 122 10.12 3.67 -22.58
C ASN B 122 10.21 2.21 -22.98
N ARG B 123 10.39 1.35 -21.98
CA ARG B 123 10.48 -0.09 -22.19
C ARG B 123 9.23 -0.74 -21.59
N SER B 124 8.81 -1.85 -22.18
CA SER B 124 7.62 -2.56 -21.70
C SER B 124 7.30 -3.78 -22.57
N VAL B 125 7.34 -4.96 -21.96
CA VAL B 125 7.04 -6.21 -22.64
C VAL B 125 6.87 -7.35 -21.65
N LEU B 129 9.77 -7.53 -26.72
CA LEU B 129 9.29 -6.77 -27.91
C LEU B 129 7.94 -6.08 -27.69
N ALA B 130 7.23 -5.83 -28.78
CA ALA B 130 5.93 -5.17 -28.74
C ALA B 130 6.05 -3.79 -28.09
N GLY B 131 6.66 -2.86 -28.81
CA GLY B 131 6.86 -1.51 -28.32
C GLY B 131 7.62 -0.66 -29.34
N SER B 132 7.51 0.65 -29.21
CA SER B 132 8.17 1.59 -30.09
C SER B 132 9.69 1.41 -30.24
N CYS B 133 10.39 1.17 -29.13
CA CYS B 133 11.83 1.00 -29.20
C CYS B 133 12.20 -0.29 -29.92
N ASP B 134 11.39 -1.32 -29.71
CA ASP B 134 11.62 -2.61 -30.35
C ASP B 134 11.53 -2.43 -31.87
N LEU B 135 10.70 -1.49 -32.30
CA LEU B 135 10.52 -1.19 -33.72
C LEU B 135 11.77 -0.52 -34.29
N LEU B 136 12.15 0.61 -33.71
CA LEU B 136 13.32 1.34 -34.17
C LEU B 136 14.56 0.44 -34.15
N GLN B 137 14.59 -0.48 -33.20
CA GLN B 137 15.69 -1.42 -33.08
C GLN B 137 15.61 -2.35 -34.30
N ALA B 138 14.39 -2.74 -34.67
CA ALA B 138 14.18 -3.61 -35.83
C ALA B 138 14.66 -2.93 -37.10
N PHE B 139 14.58 -1.60 -37.12
CA PHE B 139 15.01 -0.82 -38.27
C PHE B 139 16.53 -0.72 -38.34
N GLY B 140 17.19 -1.04 -37.22
CA GLY B 140 18.64 -1.00 -37.19
C GLY B 140 19.19 0.15 -36.37
N ILE B 141 18.30 0.95 -35.80
CA ILE B 141 18.69 2.10 -35.00
C ILE B 141 19.33 1.71 -33.66
N ARG B 142 20.45 2.34 -33.36
CA ARG B 142 21.18 2.09 -32.12
C ARG B 142 20.46 2.69 -30.92
N LEU B 143 20.00 1.83 -30.01
CA LEU B 143 19.31 2.31 -28.82
C LEU B 143 20.30 2.92 -27.83
N ASP B 144 21.55 2.46 -27.86
CA ASP B 144 22.58 2.97 -26.95
C ASP B 144 23.47 4.05 -27.57
N MET B 145 22.92 4.77 -28.55
CA MET B 145 23.63 5.86 -29.20
C MET B 145 23.96 6.86 -28.08
N SER B 146 25.12 7.49 -28.15
CA SER B 146 25.52 8.44 -27.12
C SER B 146 24.67 9.71 -27.20
N ALA B 147 24.69 10.48 -26.12
CA ALA B 147 23.93 11.72 -26.05
C ALA B 147 24.42 12.66 -27.13
N GLU B 148 25.74 12.68 -27.33
CA GLU B 148 26.34 13.55 -28.34
C GLU B 148 25.84 13.16 -29.72
N ASP B 149 25.77 11.86 -29.98
CA ASP B 149 25.28 11.37 -31.27
C ASP B 149 23.79 11.59 -31.46
N SER B 150 23.00 11.49 -30.38
CA SER B 150 21.57 11.74 -30.53
C SER B 150 21.38 13.24 -30.75
N ARG B 151 22.22 14.05 -30.11
CA ARG B 151 22.12 15.50 -30.27
C ARG B 151 22.55 15.93 -31.67
N GLN B 152 23.51 15.21 -32.23
CA GLN B 152 24.03 15.50 -33.56
C GLN B 152 23.00 15.09 -34.60
N ALA B 153 22.20 14.07 -34.27
CA ALA B 153 21.18 13.57 -35.17
C ALA B 153 19.98 14.52 -35.15
N LEU B 154 19.76 15.14 -33.99
CA LEU B 154 18.66 16.08 -33.84
C LEU B 154 18.98 17.38 -34.60
N ASP B 155 20.26 17.73 -34.66
CA ASP B 155 20.69 18.93 -35.38
C ASP B 155 20.51 18.79 -36.90
N ASP B 156 21.03 17.70 -37.46
CA ASP B 156 20.96 17.45 -38.90
C ASP B 156 19.73 16.73 -39.43
N LEU B 157 19.24 15.74 -38.70
CA LEU B 157 18.08 14.97 -39.16
C LEU B 157 16.73 15.42 -38.59
N ASN B 158 16.78 16.36 -37.66
CA ASN B 158 15.57 16.86 -37.01
C ASN B 158 14.97 15.83 -36.04
N VAL B 159 15.62 14.67 -35.90
CA VAL B 159 15.12 13.64 -35.00
C VAL B 159 16.19 12.77 -34.33
N CYS B 160 15.81 12.18 -33.20
CA CYS B 160 16.69 11.30 -32.44
C CYS B 160 15.84 10.61 -31.37
N PHE B 161 16.31 9.45 -30.91
CA PHE B 161 15.58 8.68 -29.92
C PHE B 161 16.37 8.53 -28.64
N LEU B 162 15.75 8.85 -27.51
CA LEU B 162 16.40 8.74 -26.22
C LEU B 162 15.73 7.60 -25.46
N PHE B 163 16.35 6.41 -25.51
CA PHE B 163 15.84 5.21 -24.85
C PHE B 163 15.97 5.28 -23.33
N ALA B 164 14.85 5.18 -22.63
CA ALA B 164 14.82 5.27 -21.18
C ALA B 164 15.94 4.52 -20.42
N PRO B 165 16.00 3.17 -20.53
CA PRO B 165 17.04 2.39 -19.84
C PRO B 165 18.47 2.93 -19.91
N GLN B 166 18.75 3.72 -20.94
CA GLN B 166 20.07 4.32 -21.12
C GLN B 166 20.28 5.57 -20.26
N TYR B 167 19.22 6.33 -20.04
CA TYR B 167 19.31 7.57 -19.26
C TYR B 167 18.73 7.51 -17.84
N HIS B 168 17.87 6.53 -17.57
CA HIS B 168 17.27 6.40 -16.23
C HIS B 168 17.58 5.06 -15.60
N THR B 169 18.78 4.95 -15.06
CA THR B 169 19.27 3.72 -14.45
C THR B 169 18.53 3.30 -13.18
N GLY B 170 17.92 4.27 -12.49
CA GLY B 170 17.20 3.95 -11.28
C GLY B 170 15.76 3.52 -11.52
N PHE B 171 15.27 3.74 -12.74
CA PHE B 171 13.89 3.39 -13.08
C PHE B 171 13.67 1.89 -12.90
N ARG B 172 14.76 1.15 -12.75
CA ARG B 172 14.67 -0.29 -12.60
C ARG B 172 14.33 -0.75 -11.19
N HIS B 173 14.80 -0.04 -10.18
CA HIS B 173 14.54 -0.42 -8.80
C HIS B 173 13.05 -0.48 -8.45
N ALA B 174 12.19 -0.29 -9.45
CA ALA B 174 10.77 -0.34 -9.20
C ALA B 174 10.05 -1.36 -10.08
N MET B 175 10.73 -1.90 -11.07
CA MET B 175 10.10 -2.87 -11.98
C MET B 175 9.60 -4.14 -11.30
N PRO B 176 10.37 -4.68 -10.34
CA PRO B 176 9.94 -5.91 -9.67
C PRO B 176 8.58 -5.71 -8.98
N VAL B 177 8.48 -4.67 -8.15
CA VAL B 177 7.24 -4.38 -7.44
C VAL B 177 6.12 -4.05 -8.43
N ARG B 178 6.43 -3.24 -9.44
CA ARG B 178 5.45 -2.86 -10.44
C ARG B 178 4.77 -4.04 -11.13
N GLN B 179 5.54 -5.08 -11.43
CA GLN B 179 4.95 -6.25 -12.10
C GLN B 179 4.23 -7.18 -11.13
N GLN B 180 4.68 -7.19 -9.88
CA GLN B 180 4.07 -8.03 -8.84
C GLN B 180 2.69 -7.48 -8.50
N LEU B 181 2.59 -6.16 -8.36
CA LEU B 181 1.34 -5.48 -8.06
C LEU B 181 0.31 -5.57 -9.20
N LYS B 182 0.79 -5.77 -10.42
CA LYS B 182 -0.09 -5.91 -11.59
C LYS B 182 -1.29 -4.98 -11.55
N THR B 183 -1.03 -3.68 -11.40
CA THR B 183 -2.08 -2.69 -11.35
C THR B 183 -1.42 -1.35 -11.63
N ARG B 184 -2.19 -0.42 -12.17
CA ARG B 184 -1.63 0.90 -12.48
C ARG B 184 -1.22 1.70 -11.25
N THR B 185 -0.14 2.45 -11.40
CA THR B 185 0.39 3.29 -10.33
C THR B 185 0.94 4.57 -10.97
N ILE B 186 1.44 5.48 -10.13
CA ILE B 186 1.99 6.75 -10.60
C ILE B 186 3.08 6.56 -11.65
N PHE B 187 3.76 5.42 -11.62
CA PHE B 187 4.83 5.13 -12.58
C PHE B 187 4.39 5.03 -14.03
N ASN B 188 3.14 4.64 -14.24
CA ASN B 188 2.60 4.54 -15.60
C ASN B 188 2.54 5.92 -16.26
N VAL B 189 2.37 6.96 -15.45
CA VAL B 189 2.30 8.32 -15.99
C VAL B 189 3.58 9.14 -15.90
N LEU B 190 4.62 8.62 -15.26
CA LEU B 190 5.88 9.35 -15.14
C LEU B 190 6.75 9.22 -16.38
N GLY B 191 6.72 8.05 -17.00
CA GLY B 191 7.51 7.81 -18.19
C GLY B 191 7.51 8.95 -19.20
N PRO B 192 6.33 9.39 -19.66
CA PRO B 192 6.20 10.48 -20.64
C PRO B 192 6.72 11.86 -20.21
N LEU B 193 7.00 12.03 -18.92
CA LEU B 193 7.45 13.31 -18.39
C LEU B 193 8.93 13.43 -18.07
N ILE B 194 9.68 12.35 -18.26
CA ILE B 194 11.10 12.39 -17.92
C ILE B 194 12.08 12.37 -19.08
N ASN B 195 11.75 13.10 -20.14
CA ASN B 195 12.63 13.18 -21.30
C ASN B 195 13.93 13.85 -20.80
N PRO B 196 15.08 13.17 -20.97
CA PRO B 196 16.41 13.68 -20.56
C PRO B 196 16.92 14.94 -21.25
N ALA B 197 16.26 15.34 -22.33
CA ALA B 197 16.67 16.57 -23.02
C ALA B 197 15.83 17.75 -22.53
N ARG B 198 14.85 17.46 -21.67
CA ARG B 198 13.95 18.47 -21.11
C ARG B 198 13.43 19.43 -22.19
N PRO B 199 12.70 18.89 -23.17
CA PRO B 199 12.13 19.67 -24.27
C PRO B 199 11.11 20.71 -23.79
N PRO B 200 11.01 21.86 -24.48
CA PRO B 200 10.06 22.90 -24.10
C PRO B 200 8.62 22.67 -24.61
N LYS B 201 8.48 21.75 -25.56
CA LYS B 201 7.19 21.42 -26.15
C LYS B 201 6.98 19.91 -26.09
N ALA B 202 5.73 19.46 -26.07
CA ALA B 202 5.46 18.03 -26.01
C ALA B 202 3.99 17.63 -26.24
N LEU B 203 3.79 16.55 -26.99
CA LEU B 203 2.47 15.97 -27.25
C LEU B 203 2.45 14.67 -26.44
N ILE B 204 1.81 14.73 -25.27
CA ILE B 204 1.72 13.57 -24.38
C ILE B 204 0.36 12.91 -24.45
N GLY B 205 0.36 11.59 -24.61
CA GLY B 205 -0.90 10.86 -24.66
C GLY B 205 -1.08 10.05 -23.37
N VAL B 206 -2.32 9.91 -22.92
CA VAL B 206 -2.61 9.14 -21.69
C VAL B 206 -3.69 8.06 -21.92
N TYR B 207 -3.66 7.02 -21.10
CA TYR B 207 -4.60 5.91 -21.23
C TYR B 207 -6.01 6.14 -20.72
N SER B 208 -6.27 7.28 -20.08
CA SER B 208 -7.61 7.57 -19.59
C SER B 208 -7.93 9.05 -19.67
N PRO B 209 -9.18 9.40 -20.00
CA PRO B 209 -9.61 10.79 -20.12
C PRO B 209 -9.42 11.65 -18.87
N GLU B 210 -9.60 11.09 -17.67
CA GLU B 210 -9.43 11.88 -16.46
C GLU B 210 -7.97 12.26 -16.13
N LEU B 211 -7.00 11.75 -16.90
CA LEU B 211 -5.59 12.06 -16.64
C LEU B 211 -5.11 13.25 -17.48
N VAL B 212 -5.93 13.65 -18.44
CA VAL B 212 -5.56 14.74 -19.32
C VAL B 212 -5.27 16.06 -18.61
N LEU B 213 -6.21 16.54 -17.80
CA LEU B 213 -6.02 17.81 -17.12
C LEU B 213 -4.89 17.75 -16.09
N PRO B 214 -4.93 16.75 -15.18
CA PRO B 214 -3.89 16.61 -14.17
C PRO B 214 -2.47 16.60 -14.75
N ILE B 215 -2.26 15.83 -15.81
CA ILE B 215 -0.95 15.74 -16.43
C ILE B 215 -0.53 17.07 -17.06
N ALA B 216 -1.48 17.79 -17.64
CA ALA B 216 -1.15 19.09 -18.23
C ALA B 216 -0.81 20.06 -17.10
N GLN B 217 -1.46 19.90 -15.95
CA GLN B 217 -1.20 20.77 -14.81
C GLN B 217 0.16 20.47 -14.22
N ALA B 218 0.60 19.22 -14.36
CA ALA B 218 1.91 18.83 -13.86
C ALA B 218 2.96 19.44 -14.78
N LEU B 219 2.73 19.34 -16.08
CA LEU B 219 3.64 19.88 -17.08
C LEU B 219 3.93 21.37 -16.85
N LYS B 220 2.89 22.12 -16.53
CA LYS B 220 3.05 23.55 -16.27
C LYS B 220 3.95 23.70 -15.05
N VAL B 221 3.65 22.94 -14.00
CA VAL B 221 4.44 22.98 -12.78
C VAL B 221 5.90 22.70 -13.11
N LEU B 222 6.13 21.82 -14.07
CA LEU B 222 7.48 21.46 -14.49
C LEU B 222 8.06 22.48 -15.46
N GLY B 223 7.30 23.52 -15.74
CA GLY B 223 7.78 24.56 -16.64
C GLY B 223 7.95 24.19 -18.11
N TYR B 224 6.86 23.80 -18.76
CA TYR B 224 6.88 23.48 -20.18
C TYR B 224 6.28 24.71 -20.85
N LYS B 225 6.79 25.08 -22.02
CA LYS B 225 6.24 26.26 -22.68
C LYS B 225 4.90 25.98 -23.35
N ASN B 226 4.92 25.09 -24.34
CA ASN B 226 3.72 24.72 -25.05
C ASN B 226 3.59 23.20 -25.05
N ALA B 227 2.43 22.71 -24.64
CA ALA B 227 2.18 21.27 -24.59
C ALA B 227 0.70 20.93 -24.79
N ALA B 228 0.45 19.69 -25.19
CA ALA B 228 -0.91 19.19 -25.38
C ALA B 228 -0.94 17.75 -24.91
N VAL B 229 -1.90 17.45 -24.04
CA VAL B 229 -2.08 16.11 -23.50
C VAL B 229 -3.40 15.65 -24.09
N VAL B 230 -3.45 14.40 -24.55
CA VAL B 230 -4.63 13.88 -25.22
C VAL B 230 -5.00 12.44 -24.88
N HIS B 231 -6.25 12.12 -25.16
CA HIS B 231 -6.81 10.80 -24.98
C HIS B 231 -7.96 10.78 -25.97
N GLY B 232 -8.04 9.73 -26.78
CA GLY B 232 -9.11 9.67 -27.76
C GLY B 232 -9.75 8.32 -27.97
N GLY B 233 -10.95 8.15 -27.42
CA GLY B 233 -11.68 6.90 -27.57
C GLY B 233 -10.92 5.66 -27.15
N GLY B 234 -10.19 5.74 -26.04
CA GLY B 234 -9.43 4.60 -25.56
C GLY B 234 -7.94 4.64 -25.87
N MET B 235 -7.55 5.37 -26.91
CA MET B 235 -6.14 5.47 -27.30
C MET B 235 -5.42 6.60 -26.56
N ASP B 236 -4.12 6.42 -26.32
CA ASP B 236 -3.36 7.48 -25.69
C ASP B 236 -2.72 8.28 -26.83
N GLU B 237 -3.54 8.60 -27.83
CA GLU B 237 -3.09 9.35 -29.00
C GLU B 237 -4.27 10.17 -29.45
N VAL B 238 -4.05 11.00 -30.46
CA VAL B 238 -5.10 11.79 -31.07
C VAL B 238 -5.76 10.73 -31.95
N ALA B 239 -7.08 10.66 -31.94
CA ALA B 239 -7.80 9.66 -32.72
C ALA B 239 -8.57 10.24 -33.90
N ILE B 240 -8.93 9.38 -34.86
CA ILE B 240 -9.75 9.80 -35.98
C ILE B 240 -11.06 8.98 -36.02
N HIS B 241 -11.15 7.95 -35.17
CA HIS B 241 -12.36 7.13 -35.09
C HIS B 241 -13.34 7.67 -34.06
N THR B 242 -12.96 8.74 -33.36
CA THR B 242 -13.80 9.31 -32.32
C THR B 242 -13.19 10.62 -31.83
N PRO B 243 -13.93 11.42 -31.03
CA PRO B 243 -13.38 12.68 -30.54
C PRO B 243 -12.21 12.48 -29.60
N THR B 244 -11.33 13.47 -29.56
CA THR B 244 -10.13 13.43 -28.72
C THR B 244 -10.20 14.47 -27.60
N GLN B 245 -9.99 14.01 -26.36
CA GLN B 245 -9.97 14.89 -25.20
C GLN B 245 -8.59 15.55 -25.14
N VAL B 246 -8.56 16.88 -25.07
CA VAL B 246 -7.31 17.62 -25.06
C VAL B 246 -7.19 18.66 -23.96
N ALA B 247 -5.97 18.88 -23.47
CA ALA B 247 -5.70 19.91 -22.47
C ALA B 247 -4.45 20.59 -22.99
N GLU B 248 -4.58 21.83 -23.46
CA GLU B 248 -3.44 22.52 -24.02
C GLU B 248 -2.83 23.60 -23.14
N LEU B 249 -1.51 23.52 -23.00
CA LEU B 249 -0.73 24.49 -22.23
C LEU B 249 -0.05 25.39 -23.23
N ASN B 250 -0.27 26.69 -23.09
CA ASN B 250 0.30 27.69 -23.99
C ASN B 250 0.38 29.02 -23.25
N ASN B 251 1.54 29.67 -23.33
CA ASN B 251 1.75 30.95 -22.64
C ASN B 251 1.33 30.83 -21.18
N GLY B 252 1.71 29.73 -20.54
CA GLY B 252 1.38 29.53 -19.14
C GLY B 252 -0.07 29.27 -18.76
N GLU B 253 -0.94 29.03 -19.74
CA GLU B 253 -2.35 28.74 -19.45
C GLU B 253 -2.83 27.47 -20.14
N ILE B 254 -3.64 26.71 -19.41
CA ILE B 254 -4.20 25.45 -19.89
C ILE B 254 -5.67 25.56 -20.31
N GLU B 255 -5.96 25.21 -21.56
CA GLU B 255 -7.32 25.25 -22.08
C GLU B 255 -7.81 23.84 -22.37
N SER B 256 -9.07 23.56 -22.02
CA SER B 256 -9.66 22.23 -22.25
C SER B 256 -10.63 22.26 -23.42
N TYR B 257 -10.58 21.21 -24.24
CA TYR B 257 -11.48 21.07 -25.37
C TYR B 257 -11.30 19.68 -26.00
N GLN B 258 -12.19 19.36 -26.92
CA GLN B 258 -12.12 18.10 -27.64
C GLN B 258 -12.01 18.45 -29.12
N LEU B 259 -11.36 17.58 -29.88
CA LEU B 259 -11.24 17.78 -31.33
C LEU B 259 -11.93 16.57 -31.96
N SER B 260 -12.33 16.71 -33.21
CA SER B 260 -12.97 15.59 -33.88
C SER B 260 -12.28 15.43 -35.23
N PRO B 261 -12.42 14.27 -35.87
CA PRO B 261 -11.82 13.99 -37.18
C PRO B 261 -12.03 15.13 -38.18
N GLN B 262 -13.27 15.61 -38.22
CA GLN B 262 -13.67 16.69 -39.11
C GLN B 262 -12.87 17.98 -38.91
N ASP B 263 -12.44 18.22 -37.66
CA ASP B 263 -11.64 19.40 -37.32
C ASP B 263 -10.28 19.36 -38.02
N PHE B 264 -9.87 18.17 -38.45
CA PHE B 264 -8.59 17.95 -39.15
C PHE B 264 -8.80 17.81 -40.67
N GLY B 265 -10.05 17.70 -41.08
CA GLY B 265 -10.38 17.52 -42.49
C GLY B 265 -10.15 16.07 -42.88
N LEU B 266 -10.05 15.19 -41.88
CA LEU B 266 -9.78 13.79 -42.14
C LEU B 266 -11.00 12.87 -42.03
N GLN B 267 -11.00 11.83 -42.86
CA GLN B 267 -12.08 10.82 -42.86
C GLN B 267 -11.96 10.09 -41.52
N SER B 268 -13.07 9.59 -40.99
CA SER B 268 -13.03 8.89 -39.70
C SER B 268 -12.99 7.37 -39.82
N TYR B 269 -11.78 6.80 -39.74
CA TYR B 269 -11.61 5.35 -39.82
C TYR B 269 -11.73 4.69 -38.43
N SER B 270 -12.02 3.39 -38.42
CA SER B 270 -12.19 2.65 -37.17
C SER B 270 -10.91 2.37 -36.39
N LEU B 271 -11.05 2.06 -35.11
CA LEU B 271 -9.90 1.74 -34.27
C LEU B 271 -9.33 0.42 -34.79
N ASN B 272 -10.21 -0.50 -35.16
CA ASN B 272 -9.78 -1.78 -35.71
C ASN B 272 -8.86 -1.68 -36.94
N ALA B 273 -9.05 -0.63 -37.76
CA ALA B 273 -8.21 -0.46 -38.95
C ALA B 273 -6.82 0.06 -38.61
N LEU B 274 -6.58 0.33 -37.32
CA LEU B 274 -5.30 0.85 -36.84
C LEU B 274 -4.53 -0.23 -36.14
N GLN B 275 -5.23 -1.33 -35.88
CA GLN B 275 -4.68 -2.45 -35.15
C GLN B 275 -3.38 -3.01 -35.72
N GLY B 276 -2.51 -3.47 -34.82
CA GLY B 276 -1.24 -4.04 -35.25
C GLY B 276 -1.13 -5.53 -34.95
N GLY B 277 0.07 -6.08 -35.06
CA GLY B 277 0.26 -7.49 -34.79
C GLY B 277 1.60 -7.79 -34.14
N THR B 278 2.27 -8.83 -34.64
CA THR B 278 3.58 -9.22 -34.12
C THR B 278 4.54 -8.07 -34.41
N PRO B 279 5.74 -8.10 -33.80
CA PRO B 279 6.73 -7.05 -34.01
C PRO B 279 7.13 -6.95 -35.49
N GLU B 280 7.21 -8.11 -36.14
CA GLU B 280 7.58 -8.16 -37.54
C GLU B 280 6.51 -7.50 -38.41
N GLU B 281 5.23 -7.74 -38.09
CA GLU B 281 4.15 -7.12 -38.86
C GLU B 281 4.27 -5.62 -38.64
N ASN B 282 4.37 -5.24 -37.37
CA ASN B 282 4.48 -3.85 -36.97
C ASN B 282 5.63 -3.12 -37.66
N ARG B 283 6.77 -3.78 -37.80
CA ARG B 283 7.92 -3.16 -38.47
C ARG B 283 7.64 -2.90 -39.95
N ASP B 284 7.06 -3.88 -40.64
CA ASP B 284 6.76 -3.72 -42.05
C ASP B 284 5.59 -2.75 -42.25
N ILE B 285 4.63 -2.76 -41.35
CA ILE B 285 3.50 -1.84 -41.44
C ILE B 285 4.03 -0.40 -41.46
N LEU B 286 4.90 -0.11 -40.49
CA LEU B 286 5.50 1.22 -40.36
C LEU B 286 6.41 1.58 -41.52
N ALA B 287 7.02 0.58 -42.14
CA ALA B 287 7.89 0.82 -43.27
C ALA B 287 7.03 1.30 -44.42
N ARG B 288 6.05 0.50 -44.81
CA ARG B 288 5.15 0.85 -45.89
C ARG B 288 4.54 2.23 -45.66
N LEU B 289 4.06 2.47 -44.44
CA LEU B 289 3.46 3.75 -44.09
C LEU B 289 4.41 4.92 -44.33
N LEU B 290 5.53 4.89 -43.62
CA LEU B 290 6.54 5.95 -43.73
C LEU B 290 7.11 6.12 -45.13
N GLN B 291 7.00 5.07 -45.94
CA GLN B 291 7.52 5.10 -47.31
C GLN B 291 6.46 5.65 -48.25
N GLY B 292 5.26 5.86 -47.72
CA GLY B 292 4.16 6.36 -48.51
C GLY B 292 3.41 5.25 -49.25
N LYS B 293 3.38 4.06 -48.64
CA LYS B 293 2.71 2.92 -49.23
C LYS B 293 1.78 2.16 -48.29
N GLY B 294 1.48 2.76 -47.13
CA GLY B 294 0.62 2.09 -46.15
C GLY B 294 -0.88 2.27 -46.30
N ASP B 295 -1.62 1.84 -45.29
CA ASP B 295 -3.07 1.95 -45.27
C ASP B 295 -3.53 3.39 -45.08
N ALA B 296 -4.69 3.71 -45.65
CA ALA B 296 -5.21 5.06 -45.50
C ALA B 296 -5.44 5.36 -44.01
N ALA B 297 -6.05 4.44 -43.27
CA ALA B 297 -6.30 4.64 -41.85
C ALA B 297 -5.04 5.07 -41.13
N HIS B 298 -3.98 4.29 -41.33
CA HIS B 298 -2.70 4.54 -40.72
C HIS B 298 -2.16 5.93 -41.03
N ALA B 299 -2.16 6.31 -42.30
CA ALA B 299 -1.65 7.61 -42.70
C ALA B 299 -2.48 8.71 -42.06
N ARG B 300 -3.80 8.59 -42.15
CA ARG B 300 -4.71 9.56 -41.56
C ARG B 300 -4.49 9.72 -40.05
N GLN B 301 -4.37 8.62 -39.31
CA GLN B 301 -4.18 8.72 -37.86
C GLN B 301 -2.88 9.43 -37.50
N VAL B 302 -1.85 9.22 -38.30
CA VAL B 302 -0.56 9.87 -38.08
C VAL B 302 -0.69 11.35 -38.41
N ALA B 303 -1.35 11.64 -39.54
CA ALA B 303 -1.56 13.02 -39.98
C ALA B 303 -2.23 13.84 -38.88
N ALA B 304 -3.20 13.25 -38.20
CA ALA B 304 -3.91 13.94 -37.12
C ALA B 304 -2.98 14.23 -35.93
N ASN B 305 -2.10 13.29 -35.58
CA ASN B 305 -1.22 13.53 -34.45
C ASN B 305 -0.12 14.54 -34.79
N VAL B 306 0.38 14.50 -36.02
CA VAL B 306 1.40 15.44 -36.45
C VAL B 306 0.74 16.83 -36.50
N ALA B 307 -0.51 16.86 -36.91
CA ALA B 307 -1.26 18.10 -37.03
C ALA B 307 -1.37 18.84 -35.72
N LEU B 308 -1.64 18.12 -34.64
CA LEU B 308 -1.76 18.76 -33.34
C LEU B 308 -0.36 19.15 -32.88
N LEU B 309 0.60 18.28 -33.15
CA LEU B 309 1.96 18.56 -32.76
C LEU B 309 2.36 19.93 -33.32
N LEU B 310 2.26 20.12 -34.63
CA LEU B 310 2.64 21.39 -35.23
C LEU B 310 1.90 22.58 -34.60
N LYS B 311 0.80 22.33 -33.92
CA LYS B 311 0.08 23.44 -33.28
C LYS B 311 0.95 24.02 -32.17
N LEU B 312 1.79 23.17 -31.58
CA LEU B 312 2.67 23.59 -30.50
C LEU B 312 3.78 24.45 -31.07
N PHE B 313 3.94 24.43 -32.40
CA PHE B 313 4.95 25.25 -33.06
C PHE B 313 4.30 26.46 -33.72
N GLY B 314 3.25 26.99 -33.11
CA GLY B 314 2.58 28.16 -33.65
C GLY B 314 1.75 27.99 -34.93
N GLN B 315 1.57 26.75 -35.39
CA GLN B 315 0.78 26.49 -36.61
C GLN B 315 -0.65 26.20 -36.17
N ASP B 316 -1.50 27.22 -36.20
CA ASP B 316 -2.88 27.07 -35.75
C ASP B 316 -3.94 26.44 -36.65
N ASN B 317 -3.68 26.26 -37.94
CA ASN B 317 -4.67 25.65 -38.82
C ASN B 317 -4.45 24.15 -38.93
N LEU B 318 -5.27 23.37 -38.22
CA LEU B 318 -5.18 21.91 -38.19
C LEU B 318 -5.43 21.23 -39.54
N ARG B 319 -6.31 21.80 -40.35
CA ARG B 319 -6.60 21.24 -41.67
C ARG B 319 -5.34 21.32 -42.52
N HIS B 320 -4.63 22.43 -42.43
CA HIS B 320 -3.40 22.62 -43.20
C HIS B 320 -2.34 21.67 -42.68
N ASN B 321 -2.15 21.68 -41.36
CA ASN B 321 -1.17 20.81 -40.71
C ASN B 321 -1.37 19.34 -41.15
N ALA B 322 -2.62 18.86 -41.08
CA ALA B 322 -2.90 17.49 -41.49
C ALA B 322 -2.63 17.29 -42.98
N GLN B 323 -2.94 18.29 -43.79
CA GLN B 323 -2.69 18.16 -45.22
C GLN B 323 -1.17 18.04 -45.49
N LEU B 324 -0.38 18.83 -44.76
CA LEU B 324 1.08 18.81 -44.88
C LEU B 324 1.64 17.43 -44.46
N ALA B 325 1.09 16.87 -43.38
CA ALA B 325 1.52 15.57 -42.87
C ALA B 325 1.27 14.46 -43.88
N LEU B 326 0.17 14.58 -44.61
CA LEU B 326 -0.20 13.59 -45.62
C LEU B 326 0.71 13.66 -46.84
N GLU B 327 1.08 14.87 -47.24
CA GLU B 327 1.95 15.05 -48.39
C GLU B 327 3.36 14.61 -47.98
N THR B 328 3.66 14.78 -46.68
CA THR B 328 4.96 14.37 -46.17
C THR B 328 5.05 12.84 -46.16
N ILE B 329 3.95 12.18 -45.82
CA ILE B 329 3.93 10.73 -45.78
C ILE B 329 4.00 10.10 -47.18
N ARG B 330 3.17 10.57 -48.10
CA ARG B 330 3.21 10.01 -49.46
C ARG B 330 4.55 10.30 -50.15
N SER B 331 5.28 11.28 -49.63
CA SER B 331 6.57 11.67 -50.15
C SER B 331 7.67 10.64 -49.88
N GLY B 332 7.47 9.83 -48.84
CA GLY B 332 8.45 8.79 -48.51
C GLY B 332 9.71 9.25 -47.78
N THR B 333 9.90 10.55 -47.58
CA THR B 333 11.10 11.02 -46.89
C THR B 333 11.19 10.57 -45.43
N ALA B 334 10.05 10.37 -44.77
CA ALA B 334 10.06 9.94 -43.37
C ALA B 334 10.80 8.62 -43.21
N PHE B 335 10.72 7.74 -44.21
CA PHE B 335 11.44 6.48 -44.10
C PHE B 335 12.91 6.74 -44.42
N GLU B 336 13.16 7.78 -45.21
CA GLU B 336 14.53 8.16 -45.58
C GLU B 336 15.28 8.55 -44.31
N ARG B 337 14.62 9.33 -43.46
CA ARG B 337 15.21 9.77 -42.20
C ARG B 337 15.41 8.60 -41.25
N VAL B 338 14.59 7.57 -41.40
CA VAL B 338 14.70 6.38 -40.58
C VAL B 338 16.06 5.77 -40.85
N THR B 339 16.29 5.42 -42.12
CA THR B 339 17.54 4.81 -42.56
C THR B 339 18.74 5.68 -42.16
N ALA B 340 18.61 7.00 -42.34
CA ALA B 340 19.69 7.90 -42.00
C ALA B 340 20.03 7.83 -40.51
N LEU B 341 18.99 7.79 -39.68
CA LEU B 341 19.20 7.72 -38.24
C LEU B 341 19.94 6.41 -37.93
N ALA B 342 19.55 5.36 -38.64
CA ALA B 342 20.17 4.06 -38.48
C ALA B 342 21.65 4.12 -38.92
N ALA B 343 21.92 4.89 -39.97
CA ALA B 343 23.27 5.04 -40.49
C ALA B 343 24.22 5.63 -39.47
N ARG B 344 23.68 6.03 -38.32
CA ARG B 344 24.51 6.62 -37.28
C ARG B 344 24.55 5.77 -36.00
#